data_6LTQ
#
_entry.id   6LTQ
#
_cell.length_a   61.035
_cell.length_b   86.610
_cell.length_c   93.529
_cell.angle_alpha   90.000
_cell.angle_beta   105.180
_cell.angle_gamma   90.000
#
_symmetry.space_group_name_H-M   'P 1 21 1'
#
loop_
_entity.id
_entity.type
_entity.pdbx_description
1 polymer 'Pyroglutamyl-peptidase I'
2 non-polymer GLYCEROL
3 non-polymer 'PENTAETHYLENE GLYCOL'
4 water water
#
_entity_poly.entity_id   1
_entity_poly.type   'polypeptide(L)'
_entity_poly.pdbx_seq_one_letter_code
;MEKTEKSGLSDSKKLSVLLTGFEPFGGEKVNPSMRIVKRLSKAVFPHISLHTLILPVSYQKSTEVLEEYYKTNNIDIALH
LGQAGGSAGIRLERVAINLLDSKHPDNDGQVKEDVSIIDNGPDAYMTRVKIKAVAELLKKKKIPAFVSYTAGQYI(OCS)
NEVYYYSLHRSNVTGTPKHALFVHLPFLPEQVATKEGKLEKLPSMTLELQTKAVRLILENLKEFI
;
_entity_poly.pdbx_strand_id   A,B,C,D
#
# COMPACT_ATOMS: atom_id res chain seq x y z
N SER A 12 -22.09 -24.44 34.28
CA SER A 12 -23.27 -23.67 33.90
C SER A 12 -23.02 -22.17 33.98
N LYS A 13 -22.13 -21.77 34.91
CA LYS A 13 -22.03 -20.36 35.30
C LYS A 13 -20.76 -19.66 34.83
N LYS A 14 -19.79 -20.35 34.25
CA LYS A 14 -18.66 -19.61 33.69
C LYS A 14 -19.16 -18.75 32.53
N LEU A 15 -18.27 -17.94 31.97
CA LEU A 15 -18.63 -17.16 30.79
C LEU A 15 -18.84 -18.13 29.64
N SER A 16 -19.99 -18.03 28.98
CA SER A 16 -20.28 -18.84 27.80
C SER A 16 -19.84 -18.05 26.57
N VAL A 17 -18.90 -18.60 25.82
CA VAL A 17 -18.28 -17.91 24.70
C VAL A 17 -18.50 -18.74 23.46
N LEU A 18 -18.99 -18.09 22.40
CA LEU A 18 -19.11 -18.72 21.10
C LEU A 18 -18.00 -18.19 20.20
N LEU A 19 -17.09 -19.08 19.80
CA LEU A 19 -16.00 -18.74 18.89
C LEU A 19 -16.34 -19.29 17.50
N THR A 20 -16.46 -18.41 16.50
CA THR A 20 -16.82 -18.88 15.16
C THR A 20 -15.71 -18.60 14.17
N GLY A 21 -15.68 -19.42 13.13
CA GLY A 21 -14.82 -19.19 11.98
C GLY A 21 -15.61 -19.48 10.72
N PHE A 22 -14.97 -19.28 9.57
CA PHE A 22 -15.60 -19.51 8.28
C PHE A 22 -14.83 -20.53 7.45
N GLU A 23 -15.59 -21.22 6.59
CA GLU A 23 -15.02 -22.12 5.59
C GLU A 23 -14.19 -21.34 4.56
N PRO A 24 -13.36 -22.05 3.80
CA PRO A 24 -12.59 -21.40 2.74
C PRO A 24 -13.51 -20.85 1.67
N PHE A 25 -13.04 -19.81 1.00
CA PHE A 25 -13.83 -19.15 -0.04
C PHE A 25 -12.88 -18.45 -1.00
N GLY A 26 -13.44 -18.02 -2.14
CA GLY A 26 -12.71 -17.24 -3.11
C GLY A 26 -11.57 -17.97 -3.78
N GLY A 27 -11.65 -19.29 -3.88
CA GLY A 27 -10.60 -20.06 -4.50
C GLY A 27 -9.53 -20.51 -3.53
N GLU A 28 -9.58 -20.06 -2.28
CA GLU A 28 -8.65 -20.56 -1.27
C GLU A 28 -9.08 -21.95 -0.84
N LYS A 29 -8.10 -22.75 -0.45
CA LYS A 29 -8.43 -24.07 0.10
C LYS A 29 -8.36 -24.12 1.60
N VAL A 30 -7.89 -23.06 2.28
CA VAL A 30 -7.89 -23.00 3.74
C VAL A 30 -8.41 -21.62 4.12
N ASN A 31 -8.82 -21.49 5.37
CA ASN A 31 -9.24 -20.21 5.92
C ASN A 31 -8.62 -20.10 7.32
N PRO A 32 -7.82 -19.07 7.62
CA PRO A 32 -7.21 -19.02 8.98
C PRO A 32 -8.23 -19.05 10.10
N SER A 33 -9.41 -18.44 9.93
CA SER A 33 -10.42 -18.48 10.99
C SER A 33 -10.81 -19.91 11.32
N MET A 34 -11.05 -20.71 10.29
CA MET A 34 -11.40 -22.12 10.51
C MET A 34 -10.28 -22.86 11.21
N ARG A 35 -9.03 -22.65 10.78
CA ARG A 35 -7.92 -23.37 11.39
C ARG A 35 -7.76 -23.02 12.87
N ILE A 36 -7.94 -21.74 13.23
CA ILE A 36 -7.84 -21.36 14.64
C ILE A 36 -8.95 -22.00 15.45
N VAL A 37 -10.17 -21.96 14.94
CA VAL A 37 -11.30 -22.54 15.66
C VAL A 37 -11.06 -24.03 15.87
N LYS A 38 -10.56 -24.71 14.84
CA LYS A 38 -10.27 -26.14 14.98
C LYS A 38 -9.22 -26.38 16.06
N ARG A 39 -8.14 -25.59 16.06
CA ARG A 39 -7.10 -25.77 17.07
C ARG A 39 -7.64 -25.51 18.47
N LEU A 40 -8.43 -24.46 18.62
CA LEU A 40 -8.85 -24.13 19.97
C LEU A 40 -10.04 -24.98 20.41
N SER A 41 -10.74 -25.62 19.47
CA SER A 41 -11.80 -26.54 19.89
C SER A 41 -11.20 -27.73 20.63
N LYS A 42 -9.91 -27.98 20.42
CA LYS A 42 -9.18 -29.07 21.06
C LYS A 42 -8.57 -28.66 22.40
N ALA A 43 -8.55 -27.37 22.70
CA ALA A 43 -7.93 -26.90 23.91
C ALA A 43 -8.91 -26.99 25.06
N VAL A 44 -8.35 -26.95 26.27
CA VAL A 44 -9.11 -26.83 27.51
C VAL A 44 -8.97 -25.41 28.02
N PHE A 45 -10.11 -24.72 28.20
CA PHE A 45 -10.12 -23.39 28.80
C PHE A 45 -10.83 -23.52 30.12
N PRO A 46 -10.12 -23.50 31.26
CA PRO A 46 -10.76 -23.83 32.54
C PRO A 46 -11.73 -22.78 33.05
N HIS A 47 -11.66 -21.54 32.56
CA HIS A 47 -12.41 -20.46 33.18
C HIS A 47 -13.59 -19.97 32.34
N ILE A 48 -13.85 -20.57 31.19
CA ILE A 48 -14.96 -20.19 30.31
C ILE A 48 -15.55 -21.48 29.76
N SER A 49 -16.79 -21.40 29.29
CA SER A 49 -17.41 -22.50 28.56
C SER A 49 -17.32 -22.14 27.09
N LEU A 50 -16.40 -22.77 26.37
CA LEU A 50 -16.10 -22.37 24.99
C LEU A 50 -16.91 -23.23 24.03
N HIS A 51 -17.79 -22.59 23.27
CA HIS A 51 -18.47 -23.20 22.15
C HIS A 51 -17.72 -22.82 20.87
N THR A 52 -17.64 -23.75 19.92
CA THR A 52 -17.03 -23.44 18.64
C THR A 52 -17.99 -23.80 17.51
N LEU A 53 -17.84 -23.10 16.38
CA LEU A 53 -18.77 -23.27 15.27
C LEU A 53 -18.10 -22.78 14.00
N ILE A 54 -18.10 -23.61 12.95
CA ILE A 54 -17.63 -23.18 11.62
C ILE A 54 -18.86 -22.82 10.80
N LEU A 55 -18.86 -21.61 10.25
CA LEU A 55 -19.99 -21.11 9.49
C LEU A 55 -19.72 -21.20 7.99
N PRO A 56 -20.75 -21.39 7.16
CA PRO A 56 -20.55 -21.34 5.72
C PRO A 56 -20.41 -19.90 5.25
N VAL A 57 -19.71 -19.72 4.15
CA VAL A 57 -19.58 -18.40 3.50
C VAL A 57 -20.81 -18.30 2.57
N SER A 58 -21.94 -17.96 3.16
CA SER A 58 -23.22 -17.94 2.42
C SER A 58 -24.10 -16.84 2.99
N TYR A 59 -24.59 -15.97 2.09
CA TYR A 59 -25.45 -14.88 2.53
C TYR A 59 -26.68 -15.43 3.26
N GLN A 60 -27.23 -16.54 2.78
CA GLN A 60 -28.44 -17.06 3.40
C GLN A 60 -28.11 -17.94 4.61
N LYS A 61 -27.20 -18.88 4.44
CA LYS A 61 -26.99 -19.91 5.45
C LYS A 61 -26.10 -19.47 6.61
N SER A 62 -25.21 -18.49 6.44
CA SER A 62 -24.35 -18.11 7.57
C SER A 62 -25.18 -17.75 8.78
N THR A 63 -26.15 -16.83 8.63
CA THR A 63 -26.90 -16.40 9.81
C THR A 63 -27.96 -17.42 10.22
N GLU A 64 -28.37 -18.31 9.31
CA GLU A 64 -29.27 -19.40 9.71
C GLU A 64 -28.58 -20.34 10.67
N VAL A 65 -27.39 -20.82 10.29
CA VAL A 65 -26.61 -21.70 11.16
C VAL A 65 -26.31 -20.99 12.48
N LEU A 66 -25.93 -19.72 12.41
CA LEU A 66 -25.64 -18.98 13.61
C LEU A 66 -26.87 -18.83 14.49
N GLU A 67 -28.02 -18.50 13.89
CA GLU A 67 -29.24 -18.33 14.68
C GLU A 67 -29.63 -19.62 15.40
N GLU A 68 -29.50 -20.76 14.72
CA GLU A 68 -29.87 -22.02 15.36
C GLU A 68 -28.97 -22.30 16.56
N TYR A 69 -27.71 -21.88 16.50
CA TYR A 69 -26.87 -22.08 17.67
C TYR A 69 -27.31 -21.18 18.81
N TYR A 70 -27.64 -19.91 18.51
CA TYR A 70 -28.11 -19.01 19.55
C TYR A 70 -29.43 -19.49 20.15
N LYS A 71 -30.31 -20.07 19.32
CA LYS A 71 -31.62 -20.52 19.79
C LYS A 71 -31.43 -21.61 20.84
N THR A 72 -30.42 -22.45 20.64
CA THR A 72 -30.23 -23.65 21.42
C THR A 72 -29.17 -23.58 22.50
N ASN A 73 -28.43 -22.47 22.62
CA ASN A 73 -27.38 -22.32 23.63
C ASN A 73 -27.38 -20.90 24.13
N ASN A 74 -27.22 -20.73 25.44
CA ASN A 74 -27.11 -19.39 26.00
CA ASN A 74 -27.10 -19.39 26.01
C ASN A 74 -25.67 -18.91 25.83
N ILE A 75 -25.49 -17.82 25.10
CA ILE A 75 -24.16 -17.32 24.79
C ILE A 75 -24.01 -15.94 25.41
N ASP A 76 -22.95 -15.75 26.19
CA ASP A 76 -22.66 -14.44 26.75
C ASP A 76 -21.93 -13.56 25.73
N ILE A 77 -20.87 -14.08 25.11
CA ILE A 77 -20.10 -13.27 24.18
C ILE A 77 -19.80 -14.10 22.95
N ALA A 78 -20.02 -13.49 21.79
CA ALA A 78 -19.69 -14.08 20.51
C ALA A 78 -18.37 -13.46 20.05
N LEU A 79 -17.38 -14.30 19.78
CA LEU A 79 -16.09 -13.84 19.23
C LEU A 79 -16.02 -14.42 17.82
N HIS A 80 -16.32 -13.61 16.81
CA HIS A 80 -16.33 -14.06 15.42
C HIS A 80 -14.97 -13.81 14.76
N LEU A 81 -14.42 -14.84 14.12
CA LEU A 81 -13.16 -14.72 13.37
C LEU A 81 -13.42 -14.81 11.87
N GLY A 82 -12.61 -14.08 11.09
CA GLY A 82 -12.72 -14.16 9.64
C GLY A 82 -11.41 -13.79 8.99
N GLN A 83 -11.29 -14.19 7.74
CA GLN A 83 -10.09 -13.89 6.95
C GLN A 83 -10.17 -12.49 6.36
N ALA A 84 -9.09 -11.72 6.53
CA ALA A 84 -8.95 -10.42 5.86
C ALA A 84 -7.66 -10.45 5.05
N GLY A 85 -7.71 -11.10 3.90
CA GLY A 85 -6.54 -11.21 3.05
C GLY A 85 -5.96 -9.85 2.71
N GLY A 86 -4.66 -9.65 2.94
CA GLY A 86 -4.04 -8.37 2.76
C GLY A 86 -3.78 -7.61 4.04
N SER A 87 -4.49 -7.92 5.12
CA SER A 87 -4.21 -7.26 6.39
C SER A 87 -2.98 -7.85 7.03
N ALA A 88 -2.24 -7.02 7.78
CA ALA A 88 -0.92 -7.42 8.29
C ALA A 88 -0.92 -7.78 9.79
N GLY A 89 -1.96 -7.44 10.52
CA GLY A 89 -1.99 -7.73 11.93
C GLY A 89 -3.38 -8.19 12.34
N ILE A 90 -3.52 -8.44 13.64
CA ILE A 90 -4.83 -8.77 14.19
C ILE A 90 -5.73 -7.54 14.09
N ARG A 91 -6.81 -7.66 13.31
CA ARG A 91 -7.60 -6.51 12.88
C ARG A 91 -8.93 -6.54 13.64
N LEU A 92 -9.02 -5.77 14.71
CA LEU A 92 -10.20 -5.80 15.58
C LEU A 92 -11.27 -4.87 15.02
N GLU A 93 -12.45 -5.42 14.71
CA GLU A 93 -13.47 -4.64 14.02
C GLU A 93 -14.41 -3.99 15.03
N ARG A 94 -14.54 -2.66 14.94
CA ARG A 94 -15.41 -1.94 15.86
C ARG A 94 -16.83 -1.75 15.34
N VAL A 95 -17.05 -1.80 14.03
CA VAL A 95 -18.29 -1.35 13.39
C VAL A 95 -18.83 -2.49 12.53
N ALA A 96 -20.14 -2.77 12.67
CA ALA A 96 -20.86 -3.64 11.75
C ALA A 96 -21.94 -2.80 11.08
N ILE A 97 -22.06 -2.89 9.75
CA ILE A 97 -23.03 -2.03 9.07
C ILE A 97 -24.14 -2.86 8.44
N ASN A 98 -25.30 -2.23 8.27
CA ASN A 98 -26.51 -2.93 7.80
C ASN A 98 -26.53 -2.95 6.27
N LEU A 99 -25.57 -3.67 5.69
CA LEU A 99 -25.44 -3.66 4.24
C LEU A 99 -24.73 -4.90 3.76
N LEU A 100 -25.30 -5.52 2.74
CA LEU A 100 -24.64 -6.53 1.93
C LEU A 100 -24.27 -5.90 0.59
N ASP A 101 -22.99 -5.94 0.24
CA ASP A 101 -22.59 -5.37 -1.04
C ASP A 101 -21.24 -5.94 -1.44
N SER A 102 -21.22 -6.75 -2.47
CA SER A 102 -19.96 -7.18 -3.06
C SER A 102 -20.24 -7.73 -4.44
N LYS A 103 -19.27 -7.52 -5.34
CA LYS A 103 -19.38 -8.09 -6.67
C LYS A 103 -19.11 -9.58 -6.67
N HIS A 104 -18.48 -10.08 -5.63
CA HIS A 104 -18.12 -11.49 -5.54
C HIS A 104 -19.28 -12.30 -4.98
N PRO A 105 -19.53 -13.46 -5.58
CA PRO A 105 -20.55 -14.35 -5.05
C PRO A 105 -20.10 -14.96 -3.73
N ASP A 106 -21.08 -15.46 -2.99
CA ASP A 106 -20.78 -16.31 -1.85
C ASP A 106 -20.49 -17.72 -2.38
N ASN A 107 -20.30 -18.68 -1.48
CA ASN A 107 -20.00 -20.05 -1.93
C ASN A 107 -21.21 -20.74 -2.53
N ASP A 108 -22.40 -20.13 -2.45
CA ASP A 108 -23.62 -20.63 -3.10
C ASP A 108 -23.88 -19.95 -4.44
N GLY A 109 -22.93 -19.15 -4.93
CA GLY A 109 -23.10 -18.43 -6.17
C GLY A 109 -23.98 -17.21 -6.09
N GLN A 110 -24.43 -16.82 -4.90
CA GLN A 110 -25.31 -15.67 -4.75
C GLN A 110 -24.51 -14.38 -4.63
N VAL A 111 -24.96 -13.35 -5.33
CA VAL A 111 -24.35 -12.03 -5.32
C VAL A 111 -25.36 -11.06 -4.73
N LYS A 112 -24.92 -10.21 -3.81
CA LYS A 112 -25.79 -9.21 -3.19
C LYS A 112 -25.19 -7.82 -3.42
N GLU A 113 -25.98 -6.91 -3.99
CA GLU A 113 -25.53 -5.53 -4.21
C GLU A 113 -26.51 -4.57 -3.55
N ASP A 114 -26.01 -3.82 -2.56
CA ASP A 114 -26.73 -2.69 -1.98
C ASP A 114 -28.06 -3.09 -1.34
N VAL A 115 -28.04 -4.15 -0.54
CA VAL A 115 -29.25 -4.60 0.15
C VAL A 115 -29.01 -4.55 1.66
N SER A 116 -30.06 -4.13 2.39
CA SER A 116 -30.05 -4.16 3.84
C SER A 116 -29.93 -5.60 4.34
N ILE A 117 -29.29 -5.78 5.50
CA ILE A 117 -29.34 -7.07 6.18
C ILE A 117 -30.65 -7.25 6.92
N ILE A 118 -31.01 -6.26 7.74
CA ILE A 118 -32.24 -6.24 8.52
C ILE A 118 -33.05 -5.04 8.07
N ASP A 119 -34.20 -5.29 7.49
CA ASP A 119 -35.12 -4.20 7.12
C ASP A 119 -35.42 -3.32 8.33
N ASN A 120 -35.18 -2.02 8.17
CA ASN A 120 -35.37 -1.03 9.24
C ASN A 120 -34.60 -1.37 10.52
N GLY A 121 -33.47 -2.09 10.41
CA GLY A 121 -32.52 -2.12 11.49
C GLY A 121 -31.70 -0.85 11.47
N PRO A 122 -30.99 -0.56 12.56
CA PRO A 122 -30.13 0.63 12.56
C PRO A 122 -29.09 0.52 11.45
N ASP A 123 -28.60 1.68 11.02
CA ASP A 123 -27.62 1.68 9.93
C ASP A 123 -26.35 0.91 10.32
N ALA A 124 -25.99 0.93 11.60
CA ALA A 124 -24.78 0.24 12.07
C ALA A 124 -24.84 0.04 13.58
N TYR A 125 -24.04 -0.90 14.06
CA TYR A 125 -23.78 -1.07 15.48
C TYR A 125 -22.29 -1.00 15.71
N MET A 126 -21.89 -0.41 16.83
CA MET A 126 -20.52 -0.55 17.31
C MET A 126 -20.51 -1.59 18.41
N THR A 127 -19.40 -2.35 18.47
CA THR A 127 -19.26 -3.27 19.58
C THR A 127 -19.23 -2.50 20.89
N ARG A 128 -19.75 -3.14 21.94
CA ARG A 128 -19.63 -2.62 23.30
C ARG A 128 -18.46 -3.22 24.04
N VAL A 129 -17.73 -4.17 23.42
CA VAL A 129 -16.51 -4.70 24.00
C VAL A 129 -15.46 -3.57 24.08
N LYS A 130 -14.63 -3.62 25.11
CA LYS A 130 -13.56 -2.62 25.28
C LYS A 130 -12.45 -2.90 24.27
N ILE A 131 -12.72 -2.51 23.02
CA ILE A 131 -11.90 -2.98 21.90
C ILE A 131 -10.51 -2.37 21.94
N LYS A 132 -10.36 -1.12 22.41
CA LYS A 132 -9.01 -0.56 22.51
C LYS A 132 -8.18 -1.29 23.56
N ALA A 133 -8.81 -1.75 24.63
CA ALA A 133 -8.09 -2.55 25.61
C ALA A 133 -7.65 -3.88 25.02
N VAL A 134 -8.46 -4.47 24.14
CA VAL A 134 -8.03 -5.70 23.46
C VAL A 134 -6.78 -5.42 22.64
N ALA A 135 -6.80 -4.33 21.87
CA ALA A 135 -5.63 -3.97 21.06
C ALA A 135 -4.40 -3.74 21.92
N GLU A 136 -4.58 -3.08 23.07
CA GLU A 136 -3.41 -2.79 23.92
C GLU A 136 -2.84 -4.07 24.53
N LEU A 137 -3.69 -5.01 24.95
CA LEU A 137 -3.21 -6.26 25.51
C LEU A 137 -2.38 -7.03 24.48
N LEU A 138 -2.89 -7.14 23.25
CA LEU A 138 -2.18 -7.86 22.21
C LEU A 138 -0.81 -7.23 21.93
N LYS A 139 -0.77 -5.89 21.85
CA LYS A 139 0.48 -5.20 21.56
C LYS A 139 1.47 -5.41 22.69
N LYS A 140 0.98 -5.38 23.94
CA LYS A 140 1.87 -5.61 25.07
C LYS A 140 2.39 -7.03 25.09
N LYS A 141 1.63 -7.97 24.52
CA LYS A 141 2.09 -9.34 24.37
C LYS A 141 2.86 -9.56 23.07
N LYS A 142 3.31 -8.46 22.43
CA LYS A 142 4.20 -8.48 21.26
C LYS A 142 3.50 -8.97 20.00
N ILE A 143 2.19 -8.79 19.89
CA ILE A 143 1.41 -9.21 18.72
C ILE A 143 0.87 -7.97 18.03
N PRO A 144 1.20 -7.74 16.75
CA PRO A 144 0.63 -6.61 16.00
C PRO A 144 -0.89 -6.71 15.94
N ALA A 145 -1.56 -5.60 16.26
CA ALA A 145 -3.01 -5.57 16.39
C ALA A 145 -3.44 -4.12 16.25
N PHE A 146 -4.64 -3.92 15.70
CA PHE A 146 -5.12 -2.56 15.53
C PHE A 146 -6.64 -2.61 15.38
N VAL A 147 -7.25 -1.43 15.50
CA VAL A 147 -8.71 -1.30 15.44
C VAL A 147 -9.09 -0.83 14.05
N SER A 148 -10.10 -1.48 13.48
CA SER A 148 -10.57 -1.14 12.16
C SER A 148 -12.03 -0.70 12.28
N TYR A 149 -12.45 0.18 11.36
CA TYR A 149 -13.79 0.76 11.38
C TYR A 149 -14.62 0.30 10.18
N THR A 150 -14.11 -0.63 9.38
CA THR A 150 -14.95 -1.27 8.40
C THR A 150 -14.56 -2.74 8.29
N ALA A 151 -15.55 -3.61 8.45
CA ALA A 151 -15.34 -5.04 8.32
C ALA A 151 -15.75 -5.55 6.96
N GLY A 152 -15.87 -4.65 5.97
CA GLY A 152 -16.35 -5.02 4.66
C GLY A 152 -17.87 -5.08 4.66
N GLN A 153 -18.42 -5.58 3.54
CA GLN A 153 -19.87 -5.68 3.36
C GLN A 153 -20.25 -7.07 2.85
N TYR A 154 -19.45 -8.07 3.20
CA TYR A 154 -19.61 -9.45 2.75
C TYR A 154 -20.14 -10.28 3.92
N ILE A 155 -19.86 -11.59 3.91
CA ILE A 155 -20.43 -12.50 4.91
C ILE A 155 -19.91 -12.17 6.34
N ASN A 157 -19.01 -9.20 7.71
CA ASN A 157 -19.73 -8.09 8.27
C ASN A 157 -21.20 -8.49 8.54
N GLU A 158 -21.73 -9.34 7.67
CA GLU A 158 -23.14 -9.74 7.81
C GLU A 158 -23.38 -10.43 9.16
N VAL A 159 -22.53 -11.42 9.47
CA VAL A 159 -22.60 -12.15 10.74
C VAL A 159 -22.38 -11.22 11.93
N TYR A 160 -21.42 -10.30 11.81
CA TYR A 160 -21.17 -9.32 12.89
C TYR A 160 -22.40 -8.47 13.15
N TYR A 161 -22.99 -7.92 12.08
CA TYR A 161 -24.18 -7.11 12.23
C TYR A 161 -25.31 -7.95 12.82
N TYR A 162 -25.46 -9.16 12.33
CA TYR A 162 -26.50 -10.05 12.86
C TYR A 162 -26.37 -10.21 14.36
N SER A 163 -25.16 -10.46 14.85
CA SER A 163 -24.99 -10.71 16.28
C SER A 163 -25.22 -9.45 17.10
N LEU A 164 -24.73 -8.29 16.64
CA LEU A 164 -24.93 -7.06 17.40
C LEU A 164 -26.39 -6.62 17.38
N HIS A 165 -27.08 -6.86 16.27
CA HIS A 165 -28.50 -6.56 16.21
C HIS A 165 -29.29 -7.49 17.13
N ARG A 166 -29.01 -8.79 17.06
CA ARG A 166 -29.66 -9.73 17.95
C ARG A 166 -29.39 -9.41 19.40
N SER A 167 -28.18 -8.95 19.70
CA SER A 167 -27.85 -8.59 21.07
C SER A 167 -28.70 -7.40 21.51
N ASN A 168 -28.92 -6.47 20.61
CA ASN A 168 -29.72 -5.27 20.92
C ASN A 168 -31.20 -5.62 21.07
N VAL A 169 -31.70 -6.51 20.24
CA VAL A 169 -33.14 -6.79 20.23
C VAL A 169 -33.53 -7.84 21.27
N THR A 170 -32.70 -8.86 21.51
CA THR A 170 -33.05 -9.92 22.45
C THR A 170 -32.20 -9.96 23.71
N GLY A 171 -31.04 -9.33 23.71
CA GLY A 171 -30.10 -9.44 24.81
C GLY A 171 -29.11 -10.60 24.72
N THR A 172 -29.21 -11.46 23.71
CA THR A 172 -28.30 -12.59 23.54
C THR A 172 -27.79 -12.58 22.14
N PRO A 173 -26.43 -12.61 21.90
CA PRO A 173 -25.40 -12.60 22.94
C PRO A 173 -25.35 -11.26 23.65
N LYS A 174 -24.77 -11.20 24.84
CA LYS A 174 -24.60 -9.91 25.53
C LYS A 174 -23.61 -9.03 24.80
N HIS A 175 -22.58 -9.64 24.21
CA HIS A 175 -21.52 -8.92 23.51
C HIS A 175 -21.15 -9.66 22.23
N ALA A 176 -20.63 -8.92 21.26
CA ALA A 176 -20.02 -9.53 20.10
C ALA A 176 -18.83 -8.68 19.65
N LEU A 177 -17.79 -9.37 19.21
CA LEU A 177 -16.60 -8.75 18.65
C LEU A 177 -16.18 -9.56 17.43
N PHE A 178 -15.77 -8.88 16.38
CA PHE A 178 -15.26 -9.52 15.19
C PHE A 178 -13.76 -9.29 15.05
N VAL A 179 -13.00 -10.35 14.79
CA VAL A 179 -11.55 -10.26 14.62
C VAL A 179 -11.24 -10.72 13.21
N HIS A 180 -10.81 -9.79 12.36
CA HIS A 180 -10.26 -10.15 11.06
C HIS A 180 -8.80 -10.57 11.16
N LEU A 181 -8.41 -11.53 10.30
CA LEU A 181 -7.11 -12.20 10.41
C LEU A 181 -6.34 -12.11 9.10
N PRO A 182 -5.01 -11.95 9.18
CA PRO A 182 -4.18 -12.01 7.99
C PRO A 182 -4.27 -13.37 7.31
N PHE A 183 -3.89 -13.39 6.04
CA PHE A 183 -3.60 -14.64 5.36
C PHE A 183 -2.60 -15.45 6.17
N LEU A 184 -2.74 -16.76 6.15
CA LEU A 184 -1.64 -17.63 6.56
C LEU A 184 -0.51 -17.53 5.53
N PRO A 185 0.73 -17.75 5.96
CA PRO A 185 1.84 -17.69 4.99
C PRO A 185 1.66 -18.64 3.80
N GLU A 186 1.07 -19.83 4.01
CA GLU A 186 0.87 -20.74 2.89
C GLU A 186 -0.09 -20.15 1.86
N GLN A 187 -1.00 -19.27 2.29
CA GLN A 187 -1.90 -18.65 1.32
C GLN A 187 -1.20 -17.59 0.46
N VAL A 188 -0.17 -16.93 1.00
CA VAL A 188 0.58 -15.98 0.19
C VAL A 188 1.59 -16.70 -0.68
N ALA A 189 2.14 -17.81 -0.17
CA ALA A 189 3.16 -18.55 -0.90
C ALA A 189 2.67 -19.05 -2.26
N THR A 190 1.37 -19.21 -2.43
CA THR A 190 0.80 -19.65 -3.69
C THR A 190 0.48 -18.51 -4.66
N LYS A 191 0.61 -17.25 -4.25
CA LYS A 191 0.09 -16.15 -5.05
C LYS A 191 1.06 -15.76 -6.17
N GLU A 192 0.48 -15.31 -7.29
CA GLU A 192 1.28 -14.91 -8.45
C GLU A 192 1.35 -13.39 -8.57
N GLY A 193 2.37 -12.93 -9.29
CA GLY A 193 2.47 -11.52 -9.52
C GLY A 193 2.76 -10.79 -8.23
N LYS A 194 2.32 -9.53 -8.17
CA LYS A 194 2.60 -8.69 -7.02
C LYS A 194 1.95 -9.21 -5.74
N LEU A 195 0.95 -10.08 -5.86
CA LEU A 195 0.33 -10.66 -4.67
C LEU A 195 1.27 -11.57 -3.90
N GLU A 196 2.40 -11.97 -4.49
CA GLU A 196 3.40 -12.71 -3.74
C GLU A 196 3.99 -11.87 -2.60
N LYS A 197 3.77 -10.55 -2.59
CA LYS A 197 4.32 -9.68 -1.56
C LYS A 197 3.30 -9.32 -0.47
N LEU A 198 2.18 -10.01 -0.43
CA LEU A 198 1.14 -9.71 0.55
C LEU A 198 1.61 -10.07 1.95
N PRO A 199 1.07 -9.41 2.99
CA PRO A 199 1.42 -9.76 4.37
C PRO A 199 0.77 -11.07 4.80
N SER A 200 1.34 -11.67 5.84
CA SER A 200 0.81 -12.90 6.40
C SER A 200 1.14 -12.95 7.90
N MET A 201 0.57 -13.93 8.58
CA MET A 201 0.89 -14.19 9.98
C MET A 201 0.71 -15.68 10.23
N THR A 202 1.70 -16.32 10.86
CA THR A 202 1.63 -17.77 11.05
C THR A 202 0.40 -18.18 11.85
N LEU A 203 -0.06 -19.41 11.61
CA LEU A 203 -1.19 -19.91 12.38
C LEU A 203 -0.86 -19.92 13.87
N GLU A 204 0.39 -20.22 14.21
CA GLU A 204 0.79 -20.25 15.60
C GLU A 204 0.59 -18.90 16.28
N LEU A 205 1.00 -17.81 15.64
CA LEU A 205 0.81 -16.49 16.25
C LEU A 205 -0.66 -16.06 16.24
N GLN A 206 -1.38 -16.32 15.14
CA GLN A 206 -2.82 -16.00 15.13
C GLN A 206 -3.56 -16.75 16.22
N THR A 207 -3.24 -18.04 16.41
CA THR A 207 -3.90 -18.82 17.46
C THR A 207 -3.59 -18.25 18.83
N LYS A 208 -2.32 -17.87 19.07
CA LYS A 208 -1.95 -17.25 20.34
C LYS A 208 -2.73 -15.96 20.57
N ALA A 209 -2.90 -15.16 19.52
CA ALA A 209 -3.64 -13.91 19.69
C ALA A 209 -5.07 -14.18 20.16
N VAL A 210 -5.74 -15.13 19.51
CA VAL A 210 -7.12 -15.40 19.88
C VAL A 210 -7.17 -16.06 21.26
N ARG A 211 -6.22 -16.95 21.56
CA ARG A 211 -6.14 -17.50 22.91
C ARG A 211 -6.02 -16.38 23.95
N LEU A 212 -5.19 -15.37 23.67
CA LEU A 212 -5.03 -14.27 24.62
C LEU A 212 -6.31 -13.48 24.82
N ILE A 213 -7.08 -13.29 23.75
CA ILE A 213 -8.37 -12.61 23.90
C ILE A 213 -9.28 -13.42 24.81
N LEU A 214 -9.37 -14.74 24.55
CA LEU A 214 -10.22 -15.61 25.34
C LEU A 214 -9.80 -15.67 26.81
N GLU A 215 -8.49 -15.69 27.06
CA GLU A 215 -7.95 -15.78 28.41
C GLU A 215 -8.16 -14.52 29.22
N ASN A 216 -8.38 -13.40 28.55
CA ASN A 216 -8.45 -12.10 29.20
C ASN A 216 -9.83 -11.46 29.08
N LEU A 217 -10.85 -12.26 28.77
CA LEU A 217 -12.15 -11.71 28.41
C LEU A 217 -12.73 -10.84 29.50
N LYS A 218 -12.46 -11.19 30.78
CA LYS A 218 -13.00 -10.45 31.92
C LYS A 218 -12.62 -8.97 31.85
N GLU A 219 -11.50 -8.65 31.20
CA GLU A 219 -11.00 -7.28 31.17
C GLU A 219 -11.65 -6.44 30.09
N PHE A 220 -12.46 -7.03 29.22
CA PHE A 220 -13.00 -6.35 28.07
C PHE A 220 -14.51 -6.18 28.09
N ILE A 221 -15.21 -6.75 29.05
CA ILE A 221 -16.67 -6.66 29.09
C ILE A 221 -17.17 -6.07 30.40
N LYS B 13 32.18 -29.22 6.30
CA LYS B 13 32.31 -30.61 5.86
C LYS B 13 32.57 -30.64 4.36
N LYS B 14 32.05 -29.64 3.66
CA LYS B 14 32.47 -29.42 2.28
C LYS B 14 32.36 -27.94 1.95
N LEU B 15 31.14 -27.39 1.85
CA LEU B 15 30.98 -25.98 1.56
C LEU B 15 31.25 -25.12 2.78
N SER B 16 32.13 -24.15 2.64
CA SER B 16 32.38 -23.18 3.70
C SER B 16 31.42 -22.01 3.52
N VAL B 17 30.53 -21.81 4.49
CA VAL B 17 29.45 -20.83 4.36
C VAL B 17 29.58 -19.81 5.47
N LEU B 18 29.57 -18.53 5.09
CA LEU B 18 29.55 -17.43 6.04
C LEU B 18 28.13 -16.87 6.10
N LEU B 19 27.48 -17.02 7.26
CA LEU B 19 26.16 -16.46 7.54
C LEU B 19 26.30 -15.21 8.41
N THR B 20 25.87 -14.06 7.89
CA THR B 20 26.02 -12.81 8.62
C THR B 20 24.67 -12.20 8.94
N GLY B 21 24.67 -11.40 10.02
CA GLY B 21 23.56 -10.56 10.37
C GLY B 21 24.08 -9.18 10.79
N PHE B 22 23.14 -8.32 11.15
CA PHE B 22 23.46 -6.97 11.58
C PHE B 22 22.91 -6.71 12.98
N GLU B 23 23.60 -5.81 13.67
CA GLU B 23 23.15 -5.31 14.96
C GLU B 23 21.89 -4.46 14.81
N PRO B 24 21.16 -4.23 15.92
CA PRO B 24 19.99 -3.34 15.87
C PRO B 24 20.38 -1.93 15.46
N PHE B 25 19.43 -1.23 14.84
CA PHE B 25 19.68 0.12 14.36
C PHE B 25 18.35 0.86 14.26
N GLY B 26 18.45 2.17 14.04
CA GLY B 26 17.26 2.96 13.78
C GLY B 26 16.27 3.01 14.93
N GLY B 27 16.74 2.80 16.16
CA GLY B 27 15.86 2.82 17.29
C GLY B 27 15.28 1.49 17.70
N GLU B 28 15.53 0.43 16.94
CA GLU B 28 15.06 -0.90 17.33
C GLU B 28 15.92 -1.49 18.44
N LYS B 29 15.31 -2.36 19.24
CA LYS B 29 16.01 -3.09 20.28
C LYS B 29 16.50 -4.44 19.79
N VAL B 30 16.01 -4.92 18.64
CA VAL B 30 16.40 -6.19 18.04
C VAL B 30 16.56 -6.00 16.54
N ASN B 31 17.20 -6.98 15.91
CA ASN B 31 17.32 -7.06 14.46
C ASN B 31 17.05 -8.51 14.10
N PRO B 32 16.05 -8.79 13.24
CA PRO B 32 15.76 -10.19 12.90
C PRO B 32 16.97 -10.95 12.37
N SER B 33 17.81 -10.27 11.59
CA SER B 33 19.02 -10.90 11.04
C SER B 33 19.94 -11.40 12.16
N MET B 34 20.15 -10.57 13.18
CA MET B 34 20.96 -10.99 14.33
C MET B 34 20.33 -12.17 15.06
N ARG B 35 19.00 -12.14 15.28
CA ARG B 35 18.36 -13.23 16.02
C ARG B 35 18.45 -14.55 15.26
N ILE B 36 18.32 -14.52 13.93
CA ILE B 36 18.41 -15.75 13.16
C ILE B 36 19.82 -16.33 13.25
N VAL B 37 20.83 -15.47 13.12
CA VAL B 37 22.22 -15.94 13.17
C VAL B 37 22.52 -16.54 14.53
N LYS B 38 22.06 -15.92 15.61
CA LYS B 38 22.28 -16.51 16.93
C LYS B 38 21.61 -17.87 17.02
N ARG B 39 20.36 -17.96 16.56
CA ARG B 39 19.63 -19.22 16.64
C ARG B 39 20.32 -20.33 15.83
N LEU B 40 20.86 -19.99 14.66
CA LEU B 40 21.49 -21.01 13.80
C LEU B 40 22.98 -21.24 14.07
N SER B 41 23.64 -20.42 14.88
CA SER B 41 25.07 -20.56 15.10
C SER B 41 25.50 -21.90 15.72
N LYS B 42 24.61 -22.62 16.38
CA LYS B 42 24.84 -23.98 16.88
C LYS B 42 24.42 -25.08 15.89
N ALA B 43 23.75 -24.75 14.78
CA ALA B 43 23.11 -25.76 13.93
C ALA B 43 24.18 -26.42 13.07
N VAL B 44 24.16 -27.75 13.02
CA VAL B 44 25.09 -28.57 12.24
C VAL B 44 24.38 -28.99 10.95
N PHE B 45 25.02 -28.83 9.81
CA PHE B 45 24.49 -29.27 8.51
C PHE B 45 25.45 -30.28 7.89
N PRO B 46 24.96 -31.45 7.45
CA PRO B 46 25.90 -32.52 7.07
C PRO B 46 26.82 -32.15 5.91
N HIS B 47 26.47 -31.14 5.14
CA HIS B 47 27.16 -30.78 3.91
C HIS B 47 27.88 -29.44 4.00
N ILE B 48 27.89 -28.79 5.17
CA ILE B 48 28.40 -27.44 5.25
C ILE B 48 29.23 -27.22 6.50
N SER B 49 30.24 -26.35 6.37
CA SER B 49 31.01 -25.84 7.50
C SER B 49 30.56 -24.41 7.75
N LEU B 50 29.77 -24.20 8.81
CA LEU B 50 29.05 -22.94 9.02
C LEU B 50 29.85 -21.95 9.85
N HIS B 51 30.13 -20.78 9.28
CA HIS B 51 30.64 -19.63 10.02
C HIS B 51 29.52 -18.63 10.27
N THR B 52 29.54 -17.98 11.44
CA THR B 52 28.57 -16.91 11.71
C THR B 52 29.28 -15.64 12.12
N LEU B 53 28.63 -14.50 11.84
CA LEU B 53 29.24 -13.21 12.11
C LEU B 53 28.16 -12.13 12.19
N ILE B 54 28.18 -11.32 13.23
CA ILE B 54 27.30 -10.17 13.36
C ILE B 54 28.09 -8.93 12.99
N LEU B 55 27.58 -8.16 12.02
CA LEU B 55 28.25 -6.97 11.52
C LEU B 55 27.66 -5.71 12.14
N PRO B 56 28.46 -4.67 12.31
CA PRO B 56 27.94 -3.40 12.79
C PRO B 56 27.20 -2.66 11.69
N VAL B 57 26.21 -1.87 12.09
CA VAL B 57 25.52 -1.03 11.11
C VAL B 57 26.33 0.24 10.96
N SER B 58 27.41 0.16 10.18
CA SER B 58 28.40 1.22 10.06
C SER B 58 29.02 1.20 8.68
N TYR B 59 28.97 2.36 8.00
CA TYR B 59 29.55 2.45 6.66
C TYR B 59 31.01 2.04 6.68
N GLN B 60 31.73 2.46 7.73
CA GLN B 60 33.18 2.22 7.76
C GLN B 60 33.49 0.82 8.25
N LYS B 61 32.91 0.42 9.38
CA LYS B 61 33.34 -0.80 10.04
C LYS B 61 32.70 -2.06 9.47
N SER B 62 31.51 -1.96 8.83
CA SER B 62 30.88 -3.17 8.31
C SER B 62 31.81 -3.91 7.37
N THR B 63 32.34 -3.23 6.37
CA THR B 63 33.17 -3.92 5.41
C THR B 63 34.57 -4.16 5.94
N GLU B 64 35.00 -3.39 6.94
CA GLU B 64 36.26 -3.70 7.60
C GLU B 64 36.17 -5.04 8.33
N VAL B 65 35.13 -5.21 9.16
CA VAL B 65 34.93 -6.47 9.86
C VAL B 65 34.77 -7.61 8.87
N LEU B 66 33.99 -7.39 7.81
CA LEU B 66 33.79 -8.44 6.82
C LEU B 66 35.09 -8.78 6.10
N GLU B 67 35.84 -7.76 5.67
CA GLU B 67 37.09 -8.03 4.96
C GLU B 67 38.06 -8.82 5.83
N GLU B 68 38.12 -8.48 7.12
CA GLU B 68 39.01 -9.21 8.01
C GLU B 68 38.60 -10.67 8.13
N TYR B 69 37.30 -10.96 8.11
CA TYR B 69 36.88 -12.35 8.17
C TYR B 69 37.24 -13.09 6.89
N TYR B 70 37.04 -12.46 5.73
CA TYR B 70 37.42 -13.09 4.48
C TYR B 70 38.92 -13.33 4.41
N LYS B 71 39.70 -12.38 4.91
CA LYS B 71 41.16 -12.50 4.83
C LYS B 71 41.67 -13.69 5.64
N THR B 72 41.04 -13.99 6.75
CA THR B 72 41.53 -15.03 7.66
C THR B 72 40.81 -16.35 7.49
N ASN B 73 39.80 -16.41 6.62
CA ASN B 73 39.02 -17.63 6.44
C ASN B 73 38.70 -17.87 4.97
N ASN B 74 38.73 -19.14 4.61
CA ASN B 74 38.39 -19.58 3.26
C ASN B 74 36.89 -19.79 3.18
N ILE B 75 36.17 -18.81 2.62
CA ILE B 75 34.70 -18.88 2.52
C ILE B 75 34.32 -19.18 1.08
N ASP B 76 33.47 -20.20 0.90
CA ASP B 76 32.92 -20.52 -0.41
C ASP B 76 31.69 -19.67 -0.74
N ILE B 77 30.75 -19.53 0.20
CA ILE B 77 29.49 -18.82 -0.03
C ILE B 77 29.20 -17.89 1.13
N ALA B 78 28.86 -16.65 0.83
CA ALA B 78 28.39 -15.70 1.82
C ALA B 78 26.86 -15.60 1.72
N LEU B 79 26.17 -15.82 2.83
CA LEU B 79 24.73 -15.65 2.91
C LEU B 79 24.51 -14.51 3.89
N HIS B 80 24.27 -13.31 3.36
CA HIS B 80 24.10 -12.12 4.19
C HIS B 80 22.62 -11.90 4.52
N LEU B 81 22.31 -11.71 5.80
CA LEU B 81 20.96 -11.38 6.25
C LEU B 81 20.87 -9.93 6.70
N GLY B 82 19.70 -9.33 6.46
CA GLY B 82 19.46 -7.96 6.91
C GLY B 82 17.98 -7.69 7.07
N GLN B 83 17.68 -6.64 7.84
CA GLN B 83 16.31 -6.23 8.12
C GLN B 83 15.78 -5.33 7.02
N ALA B 84 14.58 -5.64 6.52
CA ALA B 84 13.89 -4.79 5.56
C ALA B 84 12.51 -4.48 6.15
N GLY B 85 12.47 -3.58 7.12
CA GLY B 85 11.23 -3.20 7.75
C GLY B 85 10.19 -2.74 6.73
N GLY B 86 8.99 -3.30 6.78
CA GLY B 86 7.97 -3.01 5.79
C GLY B 86 7.80 -4.11 4.75
N SER B 87 8.81 -4.94 4.54
CA SER B 87 8.67 -6.06 3.63
C SER B 87 7.86 -7.18 4.29
N ALA B 88 7.12 -7.91 3.45
CA ALA B 88 6.14 -8.89 3.96
C ALA B 88 6.60 -10.33 3.84
N GLY B 89 7.63 -10.60 3.05
CA GLY B 89 8.10 -11.95 2.83
C GLY B 89 9.61 -11.98 2.82
N ILE B 90 10.14 -13.18 2.61
CA ILE B 90 11.59 -13.37 2.47
C ILE B 90 11.99 -12.69 1.17
N ARG B 91 12.81 -11.65 1.27
CA ARG B 91 13.08 -10.74 0.15
C ARG B 91 14.48 -11.06 -0.37
N LEU B 92 14.55 -11.84 -1.45
CA LEU B 92 15.83 -12.28 -1.97
C LEU B 92 16.35 -11.22 -2.93
N GLU B 93 17.53 -10.65 -2.60
CA GLU B 93 18.08 -9.51 -3.33
C GLU B 93 18.98 -9.99 -4.46
N ARG B 94 18.68 -9.55 -5.68
CA ARG B 94 19.45 -9.96 -6.84
C ARG B 94 20.57 -8.98 -7.18
N VAL B 95 20.47 -7.71 -6.75
CA VAL B 95 21.31 -6.63 -7.28
C VAL B 95 21.94 -5.88 -6.12
N ALA B 96 23.26 -5.64 -6.22
CA ALA B 96 23.97 -4.74 -5.32
C ALA B 96 24.57 -3.63 -6.18
N ILE B 97 24.37 -2.38 -5.76
CA ILE B 97 24.83 -1.27 -6.60
C ILE B 97 25.95 -0.54 -5.88
N ASN B 98 26.77 0.14 -6.67
CA ASN B 98 28.00 0.77 -6.17
C ASN B 98 27.70 2.18 -5.64
N LEU B 99 26.94 2.22 -4.55
CA LEU B 99 26.49 3.53 -4.08
C LEU B 99 26.13 3.44 -2.61
N LEU B 100 26.66 4.39 -1.84
CA LEU B 100 26.21 4.65 -0.49
C LEU B 100 25.37 5.91 -0.56
N ASP B 101 24.13 5.83 -0.10
CA ASP B 101 23.29 7.02 -0.19
C ASP B 101 22.10 6.88 0.74
N SER B 102 22.08 7.69 1.80
CA SER B 102 20.90 7.74 2.64
C SER B 102 20.92 9.03 3.47
N LYS B 103 19.71 9.51 3.78
CA LYS B 103 19.49 10.66 4.65
C LYS B 103 19.85 10.33 6.08
N HIS B 104 19.71 9.05 6.47
CA HIS B 104 19.84 8.47 7.80
C HIS B 104 21.30 8.15 8.11
N PRO B 105 21.73 8.47 9.33
CA PRO B 105 23.07 8.08 9.76
C PRO B 105 23.15 6.59 10.03
N ASP B 106 24.38 6.07 10.03
CA ASP B 106 24.62 4.72 10.53
C ASP B 106 24.67 4.78 12.05
N ASN B 107 25.02 3.67 12.71
CA ASN B 107 25.08 3.66 14.17
C ASN B 107 26.27 4.43 14.71
N ASP B 108 27.23 4.81 13.86
CA ASP B 108 28.34 5.68 14.24
C ASP B 108 28.04 7.16 13.95
N GLY B 109 26.81 7.48 13.53
CA GLY B 109 26.43 8.84 13.21
C GLY B 109 26.89 9.40 11.87
N GLN B 110 27.51 8.59 10.99
CA GLN B 110 27.90 9.13 9.69
C GLN B 110 26.80 9.01 8.66
N VAL B 111 26.72 10.02 7.79
CA VAL B 111 25.78 10.09 6.70
C VAL B 111 26.56 10.05 5.40
N LYS B 112 26.09 9.28 4.43
CA LYS B 112 26.73 9.20 3.12
C LYS B 112 25.71 9.60 2.06
N GLU B 113 26.12 10.51 1.17
CA GLU B 113 25.28 10.98 0.08
CA GLU B 113 25.28 10.99 0.08
C GLU B 113 26.02 10.79 -1.24
N ASP B 114 25.57 9.82 -2.03
CA ASP B 114 26.07 9.59 -3.39
C ASP B 114 27.58 9.34 -3.42
N VAL B 115 28.03 8.41 -2.59
CA VAL B 115 29.43 8.06 -2.50
C VAL B 115 29.59 6.66 -3.07
N SER B 116 30.58 6.50 -3.95
CA SER B 116 30.89 5.17 -4.46
C SER B 116 31.37 4.28 -3.33
N ILE B 117 31.05 2.99 -3.44
CA ILE B 117 31.65 2.03 -2.54
C ILE B 117 33.07 1.71 -2.97
N ILE B 118 33.23 1.35 -4.24
CA ILE B 118 34.53 1.03 -4.83
C ILE B 118 34.74 2.03 -5.97
N ASP B 119 35.73 2.91 -5.81
CA ASP B 119 36.01 3.88 -6.87
C ASP B 119 36.29 3.16 -8.18
N ASN B 120 35.56 3.56 -9.22
CA ASN B 120 35.60 2.94 -10.53
C ASN B 120 35.42 1.42 -10.50
N GLY B 121 34.64 0.91 -9.54
CA GLY B 121 34.11 -0.43 -9.61
C GLY B 121 32.90 -0.42 -10.53
N PRO B 122 32.43 -1.59 -10.97
CA PRO B 122 31.23 -1.60 -11.81
C PRO B 122 30.04 -0.94 -11.10
N ASP B 123 29.10 -0.43 -11.89
CA ASP B 123 27.95 0.24 -11.29
C ASP B 123 27.15 -0.70 -10.41
N ALA B 124 27.10 -1.98 -10.75
CA ALA B 124 26.36 -2.96 -9.94
C ALA B 124 26.82 -4.37 -10.29
N TYR B 125 26.53 -5.30 -9.38
CA TYR B 125 26.68 -6.74 -9.62
C TYR B 125 25.35 -7.43 -9.37
N MET B 126 25.07 -8.45 -10.15
CA MET B 126 24.01 -9.38 -9.80
C MET B 126 24.63 -10.64 -9.22
N THR B 127 23.93 -11.24 -8.25
CA THR B 127 24.38 -12.52 -7.72
C THR B 127 24.43 -13.56 -8.82
N ARG B 128 25.35 -14.50 -8.68
CA ARG B 128 25.40 -15.67 -9.55
C ARG B 128 24.68 -16.86 -8.94
N VAL B 129 24.18 -16.74 -7.71
CA VAL B 129 23.33 -17.78 -7.13
C VAL B 129 22.03 -17.90 -7.92
N LYS B 130 21.49 -19.12 -8.02
CA LYS B 130 20.23 -19.39 -8.75
C LYS B 130 19.07 -18.87 -7.91
N ILE B 131 18.87 -17.56 -7.96
CA ILE B 131 18.01 -16.90 -6.97
C ILE B 131 16.54 -17.23 -7.21
N LYS B 132 16.12 -17.41 -8.46
CA LYS B 132 14.73 -17.78 -8.72
C LYS B 132 14.45 -19.19 -8.20
N ALA B 133 15.43 -20.09 -8.28
CA ALA B 133 15.27 -21.41 -7.69
C ALA B 133 15.15 -21.33 -6.16
N VAL B 134 15.88 -20.40 -5.52
CA VAL B 134 15.72 -20.20 -4.07
C VAL B 134 14.30 -19.77 -3.75
N ALA B 135 13.78 -18.78 -4.50
CA ALA B 135 12.42 -18.32 -4.26
C ALA B 135 11.41 -19.45 -4.47
N GLU B 136 11.59 -20.25 -5.52
CA GLU B 136 10.63 -21.31 -5.79
C GLU B 136 10.65 -22.38 -4.68
N LEU B 137 11.83 -22.71 -4.17
CA LEU B 137 11.92 -23.67 -3.07
C LEU B 137 11.19 -23.16 -1.83
N LEU B 138 11.43 -21.90 -1.47
CA LEU B 138 10.75 -21.36 -0.30
C LEU B 138 9.23 -21.38 -0.48
N LYS B 139 8.76 -20.97 -1.67
CA LYS B 139 7.32 -20.94 -1.90
C LYS B 139 6.72 -22.34 -1.84
N LYS B 140 7.43 -23.34 -2.38
CA LYS B 140 6.96 -24.72 -2.29
C LYS B 140 6.94 -25.22 -0.85
N LYS B 141 7.80 -24.70 0.02
CA LYS B 141 7.73 -25.02 1.43
C LYS B 141 6.77 -24.12 2.20
N LYS B 142 5.90 -23.39 1.49
CA LYS B 142 4.82 -22.59 2.08
C LYS B 142 5.32 -21.33 2.79
N ILE B 143 6.46 -20.79 2.36
CA ILE B 143 7.01 -19.57 2.93
C ILE B 143 6.94 -18.46 1.87
N PRO B 144 6.27 -17.33 2.16
CA PRO B 144 6.29 -16.18 1.23
C PRO B 144 7.70 -15.69 0.96
N ALA B 145 8.02 -15.52 -0.31
CA ALA B 145 9.38 -15.20 -0.72
C ALA B 145 9.29 -14.65 -2.13
N PHE B 146 10.19 -13.73 -2.46
CA PHE B 146 10.15 -13.12 -3.78
C PHE B 146 11.52 -12.52 -4.08
N VAL B 147 11.73 -12.18 -5.33
CA VAL B 147 13.01 -11.63 -5.78
C VAL B 147 12.88 -10.12 -5.87
N SER B 148 13.86 -9.42 -5.32
CA SER B 148 13.93 -7.97 -5.31
C SER B 148 15.14 -7.52 -6.12
N TYR B 149 15.02 -6.35 -6.75
CA TYR B 149 16.08 -5.81 -7.58
C TYR B 149 16.69 -4.52 -7.01
N THR B 150 16.32 -4.15 -5.79
CA THR B 150 17.05 -3.09 -5.09
C THR B 150 17.12 -3.46 -3.62
N ALA B 151 18.34 -3.52 -3.11
CA ALA B 151 18.58 -3.78 -1.70
C ALA B 151 18.81 -2.49 -0.91
N GLY B 152 18.42 -1.35 -1.48
CA GLY B 152 18.68 -0.06 -0.88
C GLY B 152 20.08 0.44 -1.19
N GLN B 153 20.46 1.52 -0.51
CA GLN B 153 21.78 2.13 -0.68
C GLN B 153 22.43 2.39 0.68
N TYR B 154 22.09 1.57 1.68
CA TYR B 154 22.53 1.70 3.06
C TYR B 154 23.59 0.61 3.34
N ILE B 155 23.71 0.22 4.59
CA ILE B 155 24.78 -0.73 4.96
C ILE B 155 24.55 -2.10 4.35
N ASN B 157 23.12 -2.99 1.44
CA ASN B 157 23.56 -3.04 0.06
C ASN B 157 25.09 -2.95 0.00
N GLU B 158 25.66 -2.16 0.91
CA GLU B 158 27.11 -1.94 0.90
C GLU B 158 27.86 -3.25 1.07
N VAL B 159 27.48 -4.04 2.08
CA VAL B 159 28.07 -5.34 2.33
C VAL B 159 27.83 -6.27 1.16
N TYR B 160 26.63 -6.25 0.57
CA TYR B 160 26.36 -7.09 -0.60
C TYR B 160 27.30 -6.76 -1.74
N TYR B 161 27.41 -5.47 -2.09
CA TYR B 161 28.27 -5.07 -3.18
C TYR B 161 29.72 -5.45 -2.90
N TYR B 162 30.15 -5.24 -1.65
CA TYR B 162 31.52 -5.59 -1.29
C TYR B 162 31.79 -7.07 -1.55
N SER B 163 30.87 -7.95 -1.14
CA SER B 163 31.13 -9.37 -1.31
C SER B 163 31.10 -9.78 -2.77
N LEU B 164 30.16 -9.22 -3.54
CA LEU B 164 30.13 -9.60 -4.95
C LEU B 164 31.35 -9.03 -5.70
N HIS B 165 31.78 -7.82 -5.32
CA HIS B 165 32.98 -7.25 -5.93
C HIS B 165 34.21 -8.07 -5.56
N ARG B 166 34.36 -8.37 -4.27
CA ARG B 166 35.47 -9.22 -3.83
C ARG B 166 35.42 -10.57 -4.52
N SER B 167 34.22 -11.13 -4.70
CA SER B 167 34.12 -12.41 -5.40
C SER B 167 34.62 -12.30 -6.83
N ASN B 168 34.31 -11.19 -7.51
CA ASN B 168 34.70 -11.06 -8.91
C ASN B 168 36.20 -10.89 -9.08
N VAL B 169 36.82 -10.08 -8.23
CA VAL B 169 38.23 -9.76 -8.44
C VAL B 169 39.17 -10.77 -7.77
N THR B 170 38.76 -11.41 -6.66
CA THR B 170 39.65 -12.35 -5.97
C THR B 170 39.22 -13.80 -6.06
N GLY B 171 37.95 -14.09 -6.37
CA GLY B 171 37.46 -15.45 -6.32
C GLY B 171 36.95 -15.90 -4.95
N THR B 172 37.08 -15.08 -3.93
CA THR B 172 36.60 -15.42 -2.59
C THR B 172 35.73 -14.27 -2.08
N PRO B 173 34.47 -14.51 -1.67
CA PRO B 173 33.76 -15.81 -1.71
C PRO B 173 33.44 -16.21 -3.14
N LYS B 174 33.14 -17.49 -3.42
CA LYS B 174 32.76 -17.84 -4.78
C LYS B 174 31.40 -17.24 -5.13
N HIS B 175 30.50 -17.19 -4.15
CA HIS B 175 29.12 -16.71 -4.35
C HIS B 175 28.71 -15.85 -3.17
N ALA B 176 27.77 -14.94 -3.41
CA ALA B 176 27.13 -14.21 -2.33
C ALA B 176 25.66 -13.97 -2.69
N LEU B 177 24.82 -14.04 -1.68
CA LEU B 177 23.39 -13.78 -1.78
C LEU B 177 22.98 -12.97 -0.54
N PHE B 178 22.14 -11.96 -0.75
CA PHE B 178 21.60 -11.18 0.33
C PHE B 178 20.11 -11.48 0.50
N VAL B 179 19.71 -11.71 1.74
CA VAL B 179 18.31 -12.01 2.11
C VAL B 179 17.83 -10.91 3.06
N HIS B 180 16.93 -10.05 2.57
CA HIS B 180 16.23 -9.11 3.41
C HIS B 180 15.04 -9.77 4.12
N LEU B 181 14.77 -9.31 5.33
CA LEU B 181 13.83 -9.97 6.23
C LEU B 181 12.76 -9.00 6.72
N PRO B 182 11.51 -9.46 6.86
CA PRO B 182 10.48 -8.61 7.49
C PRO B 182 10.85 -8.26 8.93
N PHE B 183 10.21 -7.21 9.44
CA PHE B 183 10.15 -7.00 10.88
C PHE B 183 9.67 -8.25 11.58
N LEU B 184 10.20 -8.48 12.79
CA LEU B 184 9.58 -9.41 13.71
C LEU B 184 8.26 -8.81 14.21
N PRO B 185 7.30 -9.66 14.56
CA PRO B 185 6.04 -9.12 15.09
C PRO B 185 6.27 -8.21 16.31
N GLU B 186 7.25 -8.52 17.16
CA GLU B 186 7.50 -7.64 18.30
C GLU B 186 7.92 -6.24 17.88
N GLN B 187 8.56 -6.11 16.71
CA GLN B 187 8.97 -4.78 16.25
C GLN B 187 7.79 -3.97 15.74
N VAL B 188 6.77 -4.62 15.20
CA VAL B 188 5.60 -3.86 14.73
C VAL B 188 4.67 -3.54 15.89
N ALA B 189 4.61 -4.44 16.89
CA ALA B 189 3.71 -4.26 18.03
C ALA B 189 4.02 -3.00 18.82
N THR B 190 5.26 -2.51 18.76
CA THR B 190 5.64 -1.26 19.44
C THR B 190 5.38 -0.03 18.60
N LYS B 191 4.91 -0.18 17.35
CA LYS B 191 4.85 0.95 16.43
C LYS B 191 3.57 1.76 16.64
N GLU B 192 3.69 3.06 16.45
CA GLU B 192 2.62 4.04 16.66
C GLU B 192 2.03 4.48 15.33
N GLY B 193 0.77 4.93 15.37
CA GLY B 193 0.18 5.47 14.16
C GLY B 193 -0.04 4.43 13.08
N LYS B 194 -0.01 4.87 11.82
CA LYS B 194 -0.26 3.95 10.72
C LYS B 194 0.76 2.82 10.66
N LEU B 195 1.92 2.98 11.29
CA LEU B 195 2.94 1.94 11.30
C LEU B 195 2.53 0.71 12.11
N GLU B 196 1.49 0.79 12.94
CA GLU B 196 0.99 -0.41 13.62
C GLU B 196 0.47 -1.45 12.65
N LYS B 197 0.26 -1.08 11.38
CA LYS B 197 -0.27 -1.99 10.37
C LYS B 197 0.81 -2.58 9.47
N LEU B 198 2.09 -2.42 9.83
CA LEU B 198 3.17 -2.92 8.99
C LEU B 198 3.18 -4.46 9.00
N PRO B 199 3.69 -5.08 7.94
CA PRO B 199 3.81 -6.55 7.89
C PRO B 199 4.93 -7.04 8.80
N SER B 200 4.84 -8.32 9.17
CA SER B 200 5.86 -8.97 10.00
C SER B 200 5.91 -10.44 9.64
N MET B 201 6.90 -11.14 10.19
CA MET B 201 7.00 -12.58 10.06
C MET B 201 7.70 -13.08 11.32
N THR B 202 7.13 -14.11 11.97
CA THR B 202 7.69 -14.60 13.23
C THR B 202 9.15 -15.03 13.07
N LEU B 203 9.90 -14.95 14.17
CA LEU B 203 11.29 -15.43 14.13
C LEU B 203 11.35 -16.89 13.73
N GLU B 204 10.39 -17.68 14.20
CA GLU B 204 10.38 -19.12 13.89
C GLU B 204 10.29 -19.36 12.38
N LEU B 205 9.39 -18.64 11.69
CA LEU B 205 9.28 -18.84 10.25
C LEU B 205 10.49 -18.29 9.50
N GLN B 206 10.98 -17.11 9.89
CA GLN B 206 12.19 -16.56 9.25
C GLN B 206 13.37 -17.50 9.42
N THR B 207 13.53 -18.06 10.61
CA THR B 207 14.64 -18.97 10.86
C THR B 207 14.51 -20.21 9.99
N LYS B 208 13.28 -20.72 9.86
CA LYS B 208 13.05 -21.87 9.00
C LYS B 208 13.42 -21.57 7.55
N ALA B 209 13.12 -20.34 7.10
CA ALA B 209 13.44 -19.97 5.72
C ALA B 209 14.94 -20.01 5.48
N VAL B 210 15.71 -19.43 6.41
CA VAL B 210 17.16 -19.41 6.25
C VAL B 210 17.74 -20.81 6.38
N ARG B 211 17.22 -21.59 7.32
CA ARG B 211 17.61 -23.00 7.45
C ARG B 211 17.37 -23.75 6.16
N LEU B 212 16.23 -23.54 5.50
CA LEU B 212 15.96 -24.24 4.25
C LEU B 212 16.94 -23.83 3.15
N ILE B 213 17.34 -22.55 3.10
CA ILE B 213 18.32 -22.12 2.11
C ILE B 213 19.64 -22.85 2.34
N LEU B 214 20.08 -22.90 3.61
CA LEU B 214 21.33 -23.59 3.94
C LEU B 214 21.23 -25.08 3.63
N GLU B 215 20.09 -25.69 3.93
CA GLU B 215 19.92 -27.12 3.70
C GLU B 215 19.92 -27.48 2.23
N ASN B 216 19.58 -26.54 1.35
CA ASN B 216 19.45 -26.86 -0.06
C ASN B 216 20.49 -26.13 -0.89
N LEU B 217 21.59 -25.71 -0.26
CA LEU B 217 22.50 -24.79 -0.91
C LEU B 217 23.07 -25.35 -2.20
N LYS B 218 23.36 -26.66 -2.25
CA LYS B 218 23.90 -27.22 -3.49
C LYS B 218 22.98 -27.07 -4.68
N GLU B 219 21.67 -26.92 -4.47
CA GLU B 219 20.74 -26.73 -5.58
C GLU B 219 20.88 -25.37 -6.25
N PHE B 220 21.55 -24.41 -5.60
CA PHE B 220 21.52 -23.02 -6.03
C PHE B 220 22.86 -22.52 -6.55
N ILE B 221 23.91 -23.33 -6.53
CA ILE B 221 25.24 -22.91 -6.97
C ILE B 221 25.80 -23.80 -8.10
N LYS C 14 23.19 23.05 -31.09
CA LYS C 14 22.15 22.72 -30.11
C LYS C 14 22.16 21.24 -29.75
N LEU C 15 21.61 20.93 -28.58
CA LEU C 15 21.52 19.56 -28.11
C LEU C 15 20.51 18.76 -28.91
N SER C 16 20.91 17.59 -29.37
CA SER C 16 20.02 16.67 -30.06
C SER C 16 19.40 15.72 -29.02
N VAL C 17 18.08 15.75 -28.88
CA VAL C 17 17.38 14.99 -27.84
C VAL C 17 16.41 14.02 -28.50
N LEU C 18 16.52 12.76 -28.12
CA LEU C 18 15.56 11.75 -28.55
C LEU C 18 14.64 11.50 -27.38
N LEU C 19 13.38 11.86 -27.54
CA LEU C 19 12.34 11.62 -26.53
C LEU C 19 11.48 10.46 -27.02
N THR C 20 11.44 9.36 -26.25
CA THR C 20 10.70 8.20 -26.70
C THR C 20 9.56 7.88 -25.74
N GLY C 21 8.56 7.19 -26.28
CA GLY C 21 7.48 6.62 -25.49
C GLY C 21 7.18 5.23 -26.00
N PHE C 22 6.20 4.59 -25.38
CA PHE C 22 5.79 3.23 -25.76
C PHE C 22 4.33 3.22 -26.14
N GLU C 23 3.99 2.30 -27.06
CA GLU C 23 2.61 2.01 -27.45
C GLU C 23 1.85 1.39 -26.28
N PRO C 24 0.52 1.37 -26.33
CA PRO C 24 -0.25 0.70 -25.27
C PRO C 24 0.04 -0.79 -25.21
N PHE C 25 -0.11 -1.36 -24.02
CA PHE C 25 0.14 -2.77 -23.80
C PHE C 25 -0.65 -3.24 -22.59
N GLY C 26 -0.71 -4.57 -22.42
CA GLY C 26 -1.36 -5.16 -21.26
C GLY C 26 -2.85 -4.94 -21.18
N GLY C 27 -3.51 -4.68 -22.30
CA GLY C 27 -4.93 -4.42 -22.27
C GLY C 27 -5.32 -2.98 -22.08
N GLU C 28 -4.36 -2.08 -21.88
CA GLU C 28 -4.68 -0.67 -21.79
C GLU C 28 -5.02 -0.14 -23.17
N LYS C 29 -5.84 0.91 -23.21
CA LYS C 29 -6.20 1.54 -24.47
C LYS C 29 -5.31 2.72 -24.79
N VAL C 30 -4.51 3.19 -23.82
CA VAL C 30 -3.60 4.31 -23.99
C VAL C 30 -2.33 3.97 -23.21
N ASN C 31 -1.28 4.76 -23.46
CA ASN C 31 -0.07 4.68 -22.67
C ASN C 31 0.32 6.13 -22.39
N PRO C 32 0.46 6.54 -21.12
CA PRO C 32 0.81 7.95 -20.86
C PRO C 32 2.09 8.40 -21.58
N SER C 33 3.09 7.52 -21.70
CA SER C 33 4.33 7.89 -22.39
C SER C 33 4.06 8.28 -23.85
N MET C 34 3.24 7.49 -24.56
CA MET C 34 2.91 7.84 -25.93
C MET C 34 2.14 9.16 -26.02
N ARG C 35 1.16 9.36 -25.13
CA ARG C 35 0.39 10.61 -25.19
C ARG C 35 1.28 11.81 -24.95
N ILE C 36 2.22 11.70 -24.01
CA ILE C 36 3.14 12.80 -23.75
C ILE C 36 4.00 13.08 -24.97
N VAL C 37 4.54 12.03 -25.58
CA VAL C 37 5.43 12.23 -26.73
C VAL C 37 4.66 12.89 -27.87
N LYS C 38 3.43 12.45 -28.13
CA LYS C 38 2.65 13.06 -29.20
C LYS C 38 2.39 14.53 -28.92
N ARG C 39 2.06 14.87 -27.67
CA ARG C 39 1.82 16.25 -27.29
C ARG C 39 3.09 17.09 -27.43
N LEU C 40 4.23 16.54 -27.03
CA LEU C 40 5.46 17.33 -27.10
C LEU C 40 6.06 17.35 -28.50
N SER C 41 5.64 16.46 -29.40
CA SER C 41 6.10 16.55 -30.78
C SER C 41 5.62 17.83 -31.46
N LYS C 42 4.58 18.47 -30.93
CA LYS C 42 4.07 19.73 -31.44
C LYS C 42 4.65 20.95 -30.74
N ALA C 43 5.73 20.76 -29.98
CA ALA C 43 6.30 21.78 -29.12
C ALA C 43 7.68 22.19 -29.63
N VAL C 44 7.91 23.49 -29.70
CA VAL C 44 9.20 24.07 -30.10
C VAL C 44 10.01 24.46 -28.88
N PHE C 45 11.24 23.97 -28.79
CA PHE C 45 12.19 24.36 -27.75
C PHE C 45 13.39 25.02 -28.40
N PRO C 46 13.75 26.26 -28.06
CA PRO C 46 14.80 26.98 -28.79
C PRO C 46 16.20 26.42 -28.58
N HIS C 47 16.43 25.65 -27.53
CA HIS C 47 17.77 25.26 -27.12
C HIS C 47 18.08 23.80 -27.44
N ILE C 48 17.15 23.08 -28.06
CA ILE C 48 17.35 21.67 -28.39
C ILE C 48 16.68 21.37 -29.72
N SER C 49 17.20 20.36 -30.39
CA SER C 49 16.55 19.77 -31.55
C SER C 49 15.89 18.48 -31.07
N LEU C 50 14.58 18.50 -30.95
CA LEU C 50 13.84 17.42 -30.33
C LEU C 50 13.41 16.40 -31.38
N HIS C 51 13.91 15.16 -31.24
CA HIS C 51 13.41 14.01 -31.98
C HIS C 51 12.41 13.27 -31.10
N THR C 52 11.36 12.73 -31.72
CA THR C 52 10.37 11.94 -31.00
C THR C 52 10.19 10.60 -31.68
N LEU C 53 9.87 9.58 -30.88
CA LEU C 53 9.77 8.23 -31.39
C LEU C 53 8.93 7.40 -30.44
N ILE C 54 7.95 6.69 -30.98
CA ILE C 54 7.15 5.72 -30.23
C ILE C 54 7.75 4.35 -30.52
N LEU C 55 8.06 3.56 -29.43
CA LEU C 55 8.65 2.24 -29.56
C LEU C 55 7.60 1.16 -29.36
N PRO C 56 7.76 0.01 -29.99
CA PRO C 56 6.86 -1.12 -29.71
C PRO C 56 7.19 -1.73 -28.36
N VAL C 57 6.17 -2.28 -27.72
CA VAL C 57 6.37 -3.06 -26.48
C VAL C 57 6.69 -4.48 -26.94
N SER C 58 7.96 -4.68 -27.29
CA SER C 58 8.41 -5.91 -27.93
C SER C 58 9.86 -6.15 -27.57
N TYR C 59 10.16 -7.35 -27.06
CA TYR C 59 11.53 -7.66 -26.71
C TYR C 59 12.45 -7.54 -27.92
N GLN C 60 11.95 -7.98 -29.09
CA GLN C 60 12.80 -7.96 -30.29
C GLN C 60 12.88 -6.57 -30.91
N LYS C 61 11.71 -5.98 -31.13
CA LYS C 61 11.58 -4.81 -32.00
C LYS C 61 11.87 -3.50 -31.28
N SER C 62 11.71 -3.45 -29.96
CA SER C 62 12.00 -2.20 -29.24
C SER C 62 13.42 -1.71 -29.53
N THR C 63 14.42 -2.58 -29.34
CA THR C 63 15.78 -2.13 -29.54
C THR C 63 16.18 -2.10 -31.01
N GLU C 64 15.52 -2.86 -31.87
CA GLU C 64 15.80 -2.74 -33.29
C GLU C 64 15.40 -1.36 -33.80
N VAL C 65 14.17 -0.93 -33.48
CA VAL C 65 13.69 0.38 -33.86
C VAL C 65 14.58 1.48 -33.29
N LEU C 66 14.95 1.33 -32.01
CA LEU C 66 15.80 2.33 -31.38
C LEU C 66 17.19 2.39 -32.00
N GLU C 67 17.80 1.22 -32.24
CA GLU C 67 19.12 1.18 -32.85
C GLU C 67 19.11 1.81 -34.23
N GLU C 68 18.06 1.53 -35.00
CA GLU C 68 17.97 2.12 -36.33
C GLU C 68 17.87 3.64 -36.25
N TYR C 69 17.21 4.17 -35.22
CA TYR C 69 17.16 5.62 -35.07
C TYR C 69 18.52 6.19 -34.70
N TYR C 70 19.23 5.53 -33.78
CA TYR C 70 20.58 6.01 -33.42
C TYR C 70 21.51 5.98 -34.63
N LYS C 71 21.38 4.96 -35.47
CA LYS C 71 22.25 4.82 -36.64
C LYS C 71 22.04 5.93 -37.66
N THR C 72 20.82 6.46 -37.77
CA THR C 72 20.51 7.42 -38.81
C THR C 72 20.44 8.85 -38.30
N ASN C 73 20.58 9.07 -37.00
CA ASN C 73 20.48 10.40 -36.41
C ASN C 73 21.49 10.52 -35.28
N ASN C 74 22.20 11.64 -35.21
CA ASN C 74 23.10 11.84 -34.09
C ASN C 74 22.29 12.36 -32.92
N ILE C 75 22.30 11.62 -31.82
CA ILE C 75 21.54 11.95 -30.62
C ILE C 75 22.52 12.22 -29.50
N ASP C 76 22.38 13.37 -28.83
CA ASP C 76 23.20 13.66 -27.65
C ASP C 76 22.61 13.07 -26.36
N ILE C 77 21.30 13.20 -26.19
CA ILE C 77 20.64 12.78 -24.95
C ILE C 77 19.41 11.97 -25.31
N ALA C 78 19.26 10.81 -24.68
CA ALA C 78 18.05 10.00 -24.81
C ALA C 78 17.21 10.19 -23.55
N LEU C 79 15.96 10.62 -23.71
CA LEU C 79 15.02 10.74 -22.59
C LEU C 79 13.89 9.75 -22.85
N HIS C 80 13.94 8.59 -22.20
CA HIS C 80 12.96 7.52 -22.41
C HIS C 80 11.83 7.63 -21.40
N LEU C 81 10.57 7.61 -21.89
CA LEU C 81 9.40 7.61 -21.03
C LEU C 81 8.71 6.24 -21.05
N GLY C 82 8.11 5.85 -19.92
CA GLY C 82 7.35 4.61 -19.88
C GLY C 82 6.26 4.64 -18.81
N GLN C 83 5.29 3.76 -18.98
CA GLN C 83 4.20 3.68 -18.01
C GLN C 83 4.62 2.81 -16.83
N ALA C 84 4.41 3.33 -15.62
CA ALA C 84 4.64 2.54 -14.40
C ALA C 84 3.34 2.55 -13.63
N GLY C 85 2.40 1.69 -14.05
CA GLY C 85 1.10 1.62 -13.41
C GLY C 85 1.21 1.35 -11.92
N GLY C 86 0.57 2.16 -11.10
CA GLY C 86 0.68 2.05 -9.65
C GLY C 86 1.61 3.07 -9.03
N SER C 87 2.50 3.67 -9.82
CA SER C 87 3.35 4.72 -9.26
C SER C 87 2.57 6.01 -9.15
N ALA C 88 2.89 6.80 -8.13
CA ALA C 88 2.10 7.99 -7.81
C ALA C 88 2.76 9.29 -8.24
N GLY C 89 4.05 9.26 -8.59
CA GLY C 89 4.76 10.46 -8.95
C GLY C 89 5.64 10.22 -10.16
N ILE C 90 6.31 11.29 -10.58
CA ILE C 90 7.29 11.15 -11.65
C ILE C 90 8.44 10.31 -11.10
N ARG C 91 8.64 9.13 -11.68
CA ARG C 91 9.54 8.12 -11.13
C ARG C 91 10.82 8.09 -11.95
N LEU C 92 11.87 8.75 -11.46
CA LEU C 92 13.12 8.87 -12.19
C LEU C 92 14.00 7.65 -11.91
N GLU C 93 14.32 6.91 -12.96
CA GLU C 93 15.02 5.64 -12.83
C GLU C 93 16.53 5.84 -12.92
N ARG C 94 17.24 5.41 -11.88
CA ARG C 94 18.68 5.58 -11.84
C ARG C 94 19.43 4.38 -12.41
N VAL C 95 18.82 3.20 -12.45
CA VAL C 95 19.53 1.94 -12.70
C VAL C 95 18.85 1.19 -13.84
N ALA C 96 19.64 0.69 -14.79
CA ALA C 96 19.17 -0.25 -15.81
C ALA C 96 19.96 -1.55 -15.68
N ILE C 97 19.27 -2.68 -15.68
CA ILE C 97 19.98 -3.94 -15.45
C ILE C 97 19.92 -4.83 -16.70
N ASN C 98 20.91 -5.71 -16.78
CA ASN C 98 21.13 -6.56 -17.96
C ASN C 98 20.29 -7.84 -17.87
N LEU C 99 18.96 -7.67 -17.89
CA LEU C 99 18.10 -8.82 -17.70
C LEU C 99 16.72 -8.58 -18.30
N LEU C 100 16.21 -9.56 -19.03
CA LEU C 100 14.80 -9.65 -19.40
C LEU C 100 14.15 -10.72 -18.55
N ASP C 101 13.10 -10.36 -17.82
CA ASP C 101 12.45 -11.35 -16.97
C ASP C 101 11.05 -10.89 -16.63
N SER C 102 10.05 -11.60 -17.14
CA SER C 102 8.67 -11.39 -16.77
C SER C 102 7.87 -12.60 -17.21
N LYS C 103 6.84 -12.94 -16.42
CA LYS C 103 5.89 -13.96 -16.80
C LYS C 103 4.95 -13.44 -17.88
N HIS C 104 4.84 -12.11 -18.03
CA HIS C 104 3.93 -11.50 -18.99
C HIS C 104 4.58 -11.43 -20.37
N PRO C 105 3.83 -11.76 -21.43
CA PRO C 105 4.36 -11.62 -22.78
C PRO C 105 4.45 -10.16 -23.19
N ASP C 106 5.28 -9.91 -24.21
CA ASP C 106 5.28 -8.60 -24.86
C ASP C 106 4.11 -8.54 -25.85
N ASN C 107 4.04 -7.46 -26.64
CA ASN C 107 2.95 -7.32 -27.60
C ASN C 107 3.09 -8.25 -28.79
N ASP C 108 4.21 -8.94 -28.93
CA ASP C 108 4.37 -9.98 -29.94
C ASP C 108 4.05 -11.37 -29.38
N GLY C 109 3.55 -11.44 -28.15
CA GLY C 109 3.28 -12.73 -27.55
C GLY C 109 4.51 -13.45 -27.04
N GLN C 110 5.68 -12.82 -27.04
CA GLN C 110 6.91 -13.46 -26.59
C GLN C 110 7.11 -13.30 -25.08
N VAL C 111 7.60 -14.36 -24.45
CA VAL C 111 7.89 -14.41 -23.01
C VAL C 111 9.39 -14.61 -22.82
N LYS C 112 10.00 -13.81 -21.95
CA LYS C 112 11.43 -13.95 -21.66
C LYS C 112 11.62 -14.20 -20.17
N GLU C 113 12.41 -15.21 -19.82
CA GLU C 113 12.70 -15.51 -18.42
C GLU C 113 14.21 -15.64 -18.21
N ASP C 114 14.77 -14.76 -17.37
CA ASP C 114 16.18 -14.84 -16.95
C ASP C 114 17.13 -14.80 -18.14
N VAL C 115 16.92 -13.84 -19.03
CA VAL C 115 17.70 -13.70 -20.26
C VAL C 115 18.51 -12.41 -20.20
N SER C 116 19.79 -12.50 -20.54
CA SER C 116 20.60 -11.29 -20.69
C SER C 116 20.15 -10.46 -21.87
N ILE C 117 20.29 -9.14 -21.75
CA ILE C 117 20.10 -8.25 -22.89
C ILE C 117 21.33 -8.27 -23.79
N ILE C 118 22.50 -8.05 -23.21
CA ILE C 118 23.78 -8.08 -23.92
C ILE C 118 24.63 -9.15 -23.25
N ASP C 119 24.89 -10.23 -23.98
CA ASP C 119 25.76 -11.28 -23.47
C ASP C 119 27.11 -10.69 -23.07
N ASN C 120 27.53 -10.99 -21.84
CA ASN C 120 28.75 -10.42 -21.27
C ASN C 120 28.77 -8.89 -21.32
N GLY C 121 27.60 -8.25 -21.28
CA GLY C 121 27.53 -6.85 -20.93
C GLY C 121 27.64 -6.71 -19.42
N PRO C 122 27.92 -5.51 -18.92
CA PRO C 122 27.95 -5.32 -17.47
C PRO C 122 26.58 -5.64 -16.87
N ASP C 123 26.58 -6.03 -15.60
CA ASP C 123 25.33 -6.40 -14.93
C ASP C 123 24.33 -5.25 -14.89
N ALA C 124 24.81 -4.02 -14.79
CA ALA C 124 23.92 -2.86 -14.75
C ALA C 124 24.70 -1.60 -15.09
N TYR C 125 23.96 -0.56 -15.49
CA TYR C 125 24.46 0.79 -15.62
C TYR C 125 23.62 1.72 -14.77
N MET C 126 24.27 2.72 -14.19
CA MET C 126 23.57 3.87 -13.64
C MET C 126 23.62 5.02 -14.63
N THR C 127 22.57 5.82 -14.67
CA THR C 127 22.59 7.02 -15.49
C THR C 127 23.70 7.94 -15.00
N ARG C 128 24.28 8.70 -15.93
CA ARG C 128 25.23 9.75 -15.59
C ARG C 128 24.55 11.13 -15.54
N VAL C 129 23.25 11.20 -15.83
CA VAL C 129 22.50 12.44 -15.64
C VAL C 129 22.40 12.75 -14.15
N LYS C 130 22.37 14.05 -13.81
CA LYS C 130 22.25 14.49 -12.42
C LYS C 130 20.82 14.27 -11.94
N ILE C 131 20.50 13.02 -11.63
CA ILE C 131 19.10 12.64 -11.48
C ILE C 131 18.47 13.27 -10.23
N LYS C 132 19.25 13.44 -9.17
CA LYS C 132 18.68 14.09 -7.98
C LYS C 132 18.37 15.55 -8.26
N ALA C 133 19.17 16.21 -9.09
CA ALA C 133 18.85 17.58 -9.47
C ALA C 133 17.56 17.66 -10.27
N VAL C 134 17.28 16.64 -11.08
CA VAL C 134 16.01 16.57 -11.79
C VAL C 134 14.85 16.45 -10.81
N ALA C 135 14.95 15.52 -9.86
CA ALA C 135 13.90 15.37 -8.85
C ALA C 135 13.70 16.67 -8.08
N GLU C 136 14.80 17.34 -7.72
CA GLU C 136 14.67 18.56 -6.95
C GLU C 136 14.00 19.65 -7.77
N LEU C 137 14.36 19.77 -9.06
CA LEU C 137 13.71 20.77 -9.90
C LEU C 137 12.21 20.52 -9.99
N LEU C 138 11.82 19.27 -10.22
CA LEU C 138 10.40 18.95 -10.33
C LEU C 138 9.65 19.25 -9.02
N LYS C 139 10.23 18.88 -7.87
CA LYS C 139 9.55 19.15 -6.61
C LYS C 139 9.41 20.66 -6.36
N LYS C 140 10.43 21.44 -6.72
CA LYS C 140 10.37 22.88 -6.51
C LYS C 140 9.29 23.49 -7.38
N LYS C 141 9.02 22.87 -8.54
CA LYS C 141 7.92 23.30 -9.39
C LYS C 141 6.60 22.62 -9.00
N LYS C 142 6.54 22.04 -7.81
CA LYS C 142 5.32 21.50 -7.19
C LYS C 142 4.84 20.21 -7.85
N ILE C 143 5.76 19.41 -8.41
CA ILE C 143 5.42 18.15 -9.06
C ILE C 143 6.01 17.00 -8.24
N PRO C 144 5.18 16.05 -7.77
CA PRO C 144 5.73 14.89 -7.06
C PRO C 144 6.68 14.11 -7.95
N ALA C 145 7.85 13.80 -7.42
CA ALA C 145 8.89 13.19 -8.22
C ALA C 145 9.87 12.54 -7.26
N PHE C 146 10.46 11.41 -7.68
CA PHE C 146 11.38 10.74 -6.77
C PHE C 146 12.28 9.82 -7.58
N VAL C 147 13.35 9.36 -6.96
CA VAL C 147 14.32 8.52 -7.64
C VAL C 147 14.06 7.06 -7.29
N SER C 148 14.06 6.21 -8.30
CA SER C 148 13.86 4.77 -8.17
C SER C 148 15.12 4.07 -8.61
N TYR C 149 15.37 2.88 -8.03
CA TYR C 149 16.54 2.06 -8.31
C TYR C 149 16.18 0.75 -9.00
N THR C 150 14.92 0.58 -9.40
CA THR C 150 14.59 -0.53 -10.29
C THR C 150 13.54 -0.05 -11.27
N ALA C 151 13.85 -0.22 -12.56
CA ALA C 151 12.92 0.09 -13.64
C ALA C 151 12.20 -1.15 -14.15
N GLY C 152 12.19 -2.23 -13.35
CA GLY C 152 11.63 -3.50 -13.78
C GLY C 152 12.59 -4.29 -14.65
N GLN C 153 12.07 -5.38 -15.24
CA GLN C 153 12.87 -6.24 -16.12
C GLN C 153 12.15 -6.52 -17.43
N TYR C 154 11.30 -5.59 -17.87
CA TYR C 154 10.47 -5.71 -19.05
C TYR C 154 11.07 -4.82 -20.15
N ILE C 155 10.23 -4.37 -21.08
CA ILE C 155 10.74 -3.60 -22.21
C ILE C 155 11.30 -2.25 -21.79
N ASN C 157 12.97 -1.31 -19.01
CA ASN C 157 14.34 -1.49 -18.54
C ASN C 157 15.26 -1.91 -19.69
N GLU C 158 14.71 -2.74 -20.61
CA GLU C 158 15.50 -3.23 -21.74
C GLU C 158 16.00 -2.07 -22.60
N VAL C 159 15.09 -1.15 -22.97
CA VAL C 159 15.48 0.02 -23.75
C VAL C 159 16.46 0.90 -22.97
N TYR C 160 16.24 1.07 -21.67
CA TYR C 160 17.16 1.87 -20.85
C TYR C 160 18.55 1.27 -20.85
N TYR C 161 18.63 -0.04 -20.58
CA TYR C 161 19.93 -0.68 -20.58
C TYR C 161 20.57 -0.58 -21.95
N TYR C 162 19.76 -0.74 -22.98
CA TYR C 162 20.32 -0.66 -24.34
C TYR C 162 20.97 0.70 -24.55
N SER C 163 20.28 1.78 -24.16
CA SER C 163 20.85 3.11 -24.41
C SER C 163 22.07 3.37 -23.56
N LEU C 164 22.05 2.98 -22.28
CA LEU C 164 23.23 3.23 -21.46
C LEU C 164 24.42 2.37 -21.89
N HIS C 165 24.17 1.14 -22.36
CA HIS C 165 25.25 0.31 -22.87
C HIS C 165 25.82 0.90 -24.16
N ARG C 166 24.94 1.27 -25.09
CA ARG C 166 25.38 1.92 -26.32
C ARG C 166 26.14 3.20 -26.04
N SER C 167 25.70 3.94 -25.03
CA SER C 167 26.41 5.17 -24.65
C SER C 167 27.80 4.85 -24.13
N ASN C 168 27.91 3.74 -23.41
CA ASN C 168 29.21 3.34 -22.83
C ASN C 168 30.18 2.84 -23.89
N VAL C 169 29.69 2.12 -24.88
CA VAL C 169 30.55 1.46 -25.87
C VAL C 169 30.81 2.36 -27.08
N THR C 170 29.82 3.16 -27.49
CA THR C 170 29.98 4.00 -28.68
C THR C 170 30.07 5.50 -28.37
N GLY C 171 29.68 5.92 -27.17
CA GLY C 171 29.64 7.33 -26.88
C GLY C 171 28.38 8.02 -27.35
N THR C 172 27.47 7.29 -28.00
CA THR C 172 26.22 7.84 -28.52
C THR C 172 25.08 6.96 -28.09
N PRO C 173 24.04 7.48 -27.39
CA PRO C 173 23.91 8.88 -26.96
C PRO C 173 24.93 9.16 -25.89
N LYS C 174 25.20 10.44 -25.61
CA LYS C 174 26.11 10.75 -24.52
C LYS C 174 25.48 10.44 -23.16
N HIS C 175 24.18 10.66 -23.03
CA HIS C 175 23.48 10.46 -21.76
C HIS C 175 22.16 9.77 -22.03
N ALA C 176 21.65 9.04 -21.03
CA ALA C 176 20.31 8.50 -21.12
C ALA C 176 19.67 8.52 -19.74
N LEU C 177 18.37 8.82 -19.71
CA LEU C 177 17.58 8.83 -18.49
C LEU C 177 16.24 8.21 -18.80
N PHE C 178 15.73 7.39 -17.87
CA PHE C 178 14.39 6.80 -18.03
C PHE C 178 13.46 7.43 -17.02
N VAL C 179 12.29 7.85 -17.47
CA VAL C 179 11.26 8.46 -16.63
C VAL C 179 10.03 7.55 -16.69
N HIS C 180 9.75 6.85 -15.59
CA HIS C 180 8.49 6.12 -15.43
C HIS C 180 7.36 7.03 -14.98
N LEU C 181 6.14 6.72 -15.46
CA LEU C 181 4.99 7.60 -15.32
C LEU C 181 3.79 6.92 -14.69
N PRO C 182 3.06 7.64 -13.84
CA PRO C 182 1.79 7.10 -13.32
C PRO C 182 0.81 6.82 -14.45
N PHE C 183 -0.15 5.95 -14.14
CA PHE C 183 -1.38 5.84 -14.93
C PHE C 183 -1.99 7.23 -15.13
N LEU C 184 -2.59 7.43 -16.30
CA LEU C 184 -3.51 8.53 -16.50
C LEU C 184 -4.80 8.26 -15.72
N PRO C 185 -5.50 9.30 -15.26
CA PRO C 185 -6.76 9.05 -14.53
C PRO C 185 -7.75 8.20 -15.28
N GLU C 186 -7.83 8.35 -16.61
CA GLU C 186 -8.76 7.51 -17.37
C GLU C 186 -8.40 6.04 -17.29
N GLN C 187 -7.12 5.70 -17.10
CA GLN C 187 -6.73 4.29 -17.00
C GLN C 187 -7.16 3.69 -15.67
N VAL C 188 -7.21 4.49 -14.61
CA VAL C 188 -7.65 3.96 -13.33
C VAL C 188 -9.17 3.96 -13.25
N ALA C 189 -9.82 4.92 -13.91
CA ALA C 189 -11.28 5.01 -13.83
C ALA C 189 -11.96 3.74 -14.35
N THR C 190 -11.30 2.99 -15.22
CA THR C 190 -11.85 1.74 -15.77
C THR C 190 -11.53 0.49 -14.94
N LYS C 191 -10.77 0.60 -13.86
CA LYS C 191 -10.27 -0.57 -13.14
C LYS C 191 -11.29 -1.14 -12.16
N GLU C 192 -11.30 -2.46 -12.02
CA GLU C 192 -12.24 -3.16 -11.16
C GLU C 192 -11.59 -3.54 -9.84
N GLY C 193 -12.45 -3.71 -8.82
CA GLY C 193 -11.96 -4.17 -7.55
C GLY C 193 -11.07 -3.13 -6.89
N LYS C 194 -10.12 -3.61 -6.08
CA LYS C 194 -9.24 -2.72 -5.34
C LYS C 194 -8.37 -1.85 -6.23
N LEU C 195 -8.21 -2.23 -7.51
CA LEU C 195 -7.42 -1.41 -8.43
C LEU C 195 -8.08 -0.06 -8.76
N GLU C 196 -9.38 0.10 -8.45
CA GLU C 196 -10.02 1.40 -8.62
C GLU C 196 -9.39 2.46 -7.71
N LYS C 197 -8.57 2.04 -6.75
CA LYS C 197 -7.92 2.95 -5.82
C LYS C 197 -6.47 3.25 -6.18
N LEU C 198 -6.02 2.89 -7.38
CA LEU C 198 -4.64 3.14 -7.77
C LEU C 198 -4.38 4.63 -7.98
N PRO C 199 -3.14 5.06 -7.81
CA PRO C 199 -2.76 6.45 -8.08
C PRO C 199 -2.75 6.77 -9.57
N SER C 200 -2.85 8.06 -9.87
CA SER C 200 -2.79 8.54 -11.24
C SER C 200 -2.25 9.98 -11.24
N MET C 201 -1.98 10.46 -12.44
CA MET C 201 -1.59 11.86 -12.64
C MET C 201 -2.10 12.30 -14.00
N THR C 202 -2.76 13.47 -14.05
CA THR C 202 -3.34 13.94 -15.31
C THR C 202 -2.28 14.09 -16.38
N LEU C 203 -2.72 13.94 -17.63
CA LEU C 203 -1.80 14.11 -18.76
C LEU C 203 -1.17 15.49 -18.74
N GLU C 204 -1.95 16.53 -18.37
CA GLU C 204 -1.42 17.89 -18.34
C GLU C 204 -0.23 18.00 -17.39
N LEU C 205 -0.36 17.41 -16.19
CA LEU C 205 0.73 17.51 -15.24
C LEU C 205 1.93 16.66 -15.66
N GLN C 206 1.69 15.44 -16.16
CA GLN C 206 2.81 14.63 -16.63
C GLN C 206 3.54 15.32 -17.78
N THR C 207 2.78 15.93 -18.70
CA THR C 207 3.39 16.64 -19.82
C THR C 207 4.22 17.81 -19.34
N LYS C 208 3.70 18.56 -18.36
CA LYS C 208 4.45 19.67 -17.78
C LYS C 208 5.76 19.19 -17.17
N ALA C 209 5.72 18.04 -16.49
CA ALA C 209 6.94 17.52 -15.88
C ALA C 209 8.01 17.21 -16.94
N VAL C 210 7.61 16.53 -18.02
CA VAL C 210 8.59 16.19 -19.05
C VAL C 210 9.05 17.46 -19.77
N ARG C 211 8.13 18.41 -20.00
CA ARG C 211 8.53 19.69 -20.57
C ARG C 211 9.57 20.38 -19.69
N LEU C 212 9.36 20.39 -18.37
CA LEU C 212 10.32 21.04 -17.49
C LEU C 212 11.68 20.37 -17.55
N ILE C 213 11.71 19.05 -17.70
CA ILE C 213 12.99 18.36 -17.84
C ILE C 213 13.72 18.84 -19.10
N LEU C 214 12.99 18.90 -20.22
CA LEU C 214 13.57 19.32 -21.49
C LEU C 214 14.04 20.77 -21.44
N GLU C 215 13.25 21.65 -20.81
CA GLU C 215 13.61 23.05 -20.77
C GLU C 215 14.85 23.29 -19.93
N ASN C 216 15.15 22.40 -18.98
CA ASN C 216 16.26 22.61 -18.06
C ASN C 216 17.38 21.60 -18.25
N LEU C 217 17.44 20.97 -19.43
CA LEU C 217 18.33 19.84 -19.66
C LEU C 217 19.78 20.20 -19.40
N LYS C 218 20.20 21.42 -19.76
CA LYS C 218 21.60 21.79 -19.59
C LYS C 218 22.05 21.67 -18.14
N GLU C 219 21.13 21.82 -17.19
CA GLU C 219 21.49 21.74 -15.79
C GLU C 219 21.72 20.31 -15.32
N PHE C 220 21.35 19.31 -16.12
CA PHE C 220 21.43 17.92 -15.67
C PHE C 220 22.55 17.13 -16.32
N ILE C 221 23.25 17.70 -17.29
CA ILE C 221 24.30 16.97 -17.99
C ILE C 221 25.65 17.68 -17.94
N SER D 7 -46.14 21.53 0.25
CA SER D 7 -45.33 22.59 -0.34
C SER D 7 -46.09 23.37 -1.42
N GLY D 8 -46.65 22.63 -2.38
CA GLY D 8 -47.31 23.21 -3.53
C GLY D 8 -46.42 23.42 -4.73
N LEU D 9 -45.10 23.21 -4.57
CA LEU D 9 -44.13 23.36 -5.65
C LEU D 9 -43.90 22.07 -6.45
N SER D 10 -44.20 20.92 -5.88
CA SER D 10 -44.02 19.61 -6.53
C SER D 10 -42.55 19.48 -6.94
N ASP D 11 -42.25 18.92 -8.12
CA ASP D 11 -40.88 18.72 -8.58
C ASP D 11 -40.42 19.89 -9.45
N SER D 12 -40.34 21.06 -8.83
CA SER D 12 -39.90 22.26 -9.54
C SER D 12 -39.06 23.20 -8.68
N LYS D 13 -38.90 22.94 -7.39
CA LYS D 13 -38.09 23.81 -6.57
C LYS D 13 -36.60 23.65 -6.92
N LYS D 14 -35.88 24.76 -6.81
CA LYS D 14 -34.43 24.78 -6.96
C LYS D 14 -33.80 24.25 -5.67
N LEU D 15 -32.87 23.29 -5.81
CA LEU D 15 -32.22 22.74 -4.63
C LEU D 15 -31.21 23.72 -4.03
N SER D 16 -31.31 23.94 -2.72
CA SER D 16 -30.32 24.73 -2.00
C SER D 16 -29.23 23.79 -1.50
N VAL D 17 -27.99 24.03 -1.93
CA VAL D 17 -26.87 23.13 -1.66
C VAL D 17 -25.84 23.86 -0.82
N LEU D 18 -25.43 23.25 0.30
CA LEU D 18 -24.35 23.76 1.13
C LEU D 18 -23.09 22.96 0.79
N LEU D 19 -22.09 23.64 0.24
CA LEU D 19 -20.79 23.06 -0.09
C LEU D 19 -19.77 23.56 0.92
N THR D 20 -19.18 22.64 1.68
CA THR D 20 -18.24 23.04 2.72
C THR D 20 -16.86 22.46 2.45
N GLY D 21 -15.84 23.15 2.97
CA GLY D 21 -14.49 22.67 2.97
C GLY D 21 -13.90 22.94 4.36
N PHE D 22 -12.65 22.56 4.52
CA PHE D 22 -11.95 22.76 5.79
C PHE D 22 -10.68 23.58 5.58
N GLU D 23 -10.30 24.30 6.63
CA GLU D 23 -9.05 25.03 6.66
C GLU D 23 -7.87 24.07 6.66
N PRO D 24 -6.66 24.55 6.35
CA PRO D 24 -5.48 23.70 6.44
C PRO D 24 -5.23 23.24 7.87
N PHE D 25 -4.60 22.08 8.00
CA PHE D 25 -4.32 21.49 9.30
C PHE D 25 -3.14 20.54 9.18
N GLY D 26 -2.64 20.10 10.33
CA GLY D 26 -1.59 19.09 10.34
C GLY D 26 -0.29 19.52 9.72
N GLY D 27 0.00 20.82 9.70
CA GLY D 27 1.22 21.32 9.11
C GLY D 27 1.12 21.68 7.64
N GLU D 28 -0.01 21.41 6.99
CA GLU D 28 -0.18 21.80 5.60
C GLU D 28 -0.46 23.30 5.51
N LYS D 29 -0.05 23.91 4.39
CA LYS D 29 -0.39 25.31 4.15
C LYS D 29 -1.62 25.47 3.29
N VAL D 30 -2.14 24.38 2.71
CA VAL D 30 -3.34 24.43 1.89
C VAL D 30 -4.21 23.21 2.24
N ASN D 31 -5.46 23.30 1.85
CA ASN D 31 -6.39 22.18 1.98
C ASN D 31 -7.18 22.10 0.68
N PRO D 32 -7.14 20.96 -0.03
CA PRO D 32 -7.89 20.88 -1.30
C PRO D 32 -9.38 21.18 -1.17
N SER D 33 -10.02 20.79 -0.06
CA SER D 33 -11.42 21.13 0.11
C SER D 33 -11.65 22.64 0.10
N MET D 34 -10.82 23.39 0.85
CA MET D 34 -10.95 24.84 0.86
C MET D 34 -10.73 25.44 -0.53
N ARG D 35 -9.69 24.97 -1.24
CA ARG D 35 -9.41 25.52 -2.57
C ARG D 35 -10.56 25.27 -3.55
N ILE D 36 -11.15 24.07 -3.54
CA ILE D 36 -12.26 23.77 -4.44
C ILE D 36 -13.46 24.65 -4.12
N VAL D 37 -13.76 24.82 -2.83
CA VAL D 37 -14.89 25.63 -2.43
C VAL D 37 -14.70 27.07 -2.92
N LYS D 38 -13.50 27.61 -2.74
CA LYS D 38 -13.18 28.95 -3.23
C LYS D 38 -13.32 29.01 -4.75
N ARG D 39 -12.84 27.99 -5.45
CA ARG D 39 -12.93 28.00 -6.90
C ARG D 39 -14.39 27.98 -7.36
N LEU D 40 -15.24 27.19 -6.72
CA LEU D 40 -16.62 27.02 -7.14
C LEU D 40 -17.53 28.13 -6.60
N SER D 41 -16.97 29.00 -5.74
CA SER D 41 -17.55 30.25 -5.23
C SER D 41 -18.38 31.00 -6.27
N LYS D 42 -18.00 30.88 -7.55
CA LYS D 42 -18.68 31.48 -8.70
C LYS D 42 -19.78 30.54 -9.23
N ALA D 43 -20.90 30.53 -8.49
CA ALA D 43 -21.92 29.48 -8.60
C ALA D 43 -22.83 29.75 -9.79
N VAL D 44 -22.31 29.39 -10.97
CA VAL D 44 -23.09 29.51 -12.20
C VAL D 44 -23.70 28.13 -12.44
N PHE D 45 -24.73 27.83 -11.63
CA PHE D 45 -25.45 26.56 -11.72
C PHE D 45 -26.94 26.76 -11.99
N PRO D 46 -27.50 26.22 -13.08
CA PRO D 46 -28.88 26.54 -13.45
C PRO D 46 -29.94 25.99 -12.52
N HIS D 47 -29.66 24.92 -11.79
CA HIS D 47 -30.69 24.23 -11.02
C HIS D 47 -30.52 24.27 -9.51
N ILE D 48 -29.53 24.99 -8.98
CA ILE D 48 -29.29 24.97 -7.55
C ILE D 48 -28.92 26.36 -7.06
N SER D 49 -29.20 26.60 -5.77
CA SER D 49 -28.73 27.78 -5.06
C SER D 49 -27.55 27.33 -4.20
N LEU D 50 -26.35 27.69 -4.62
CA LEU D 50 -25.14 27.16 -3.99
C LEU D 50 -24.69 28.07 -2.86
N HIS D 51 -24.68 27.51 -1.65
CA HIS D 51 -24.01 28.11 -0.49
C HIS D 51 -22.64 27.48 -0.30
N THR D 52 -21.69 28.29 0.17
CA THR D 52 -20.38 27.77 0.49
C THR D 52 -20.00 28.16 1.91
N LEU D 53 -19.13 27.35 2.53
CA LEU D 53 -18.71 27.60 3.89
C LEU D 53 -17.42 26.86 4.16
N ILE D 54 -16.42 27.55 4.71
CA ILE D 54 -15.18 26.93 5.15
C ILE D 54 -15.26 26.72 6.65
N LEU D 55 -15.01 25.50 7.10
CA LEU D 55 -15.11 25.15 8.51
C LEU D 55 -13.73 25.06 9.15
N PRO D 56 -13.64 25.38 10.43
CA PRO D 56 -12.38 25.18 11.14
C PRO D 56 -12.18 23.70 11.45
N VAL D 57 -10.92 23.30 11.46
CA VAL D 57 -10.58 21.95 11.88
C VAL D 57 -10.48 21.98 13.40
N SER D 58 -11.63 21.90 14.04
CA SER D 58 -11.73 22.06 15.50
C SER D 58 -12.89 21.21 15.99
N TYR D 59 -12.63 20.36 16.98
CA TYR D 59 -13.71 19.50 17.46
C TYR D 59 -14.90 20.34 17.91
N GLN D 60 -14.65 21.41 18.64
CA GLN D 60 -15.76 22.19 19.15
C GLN D 60 -16.35 23.13 18.12
N LYS D 61 -15.52 23.91 17.42
CA LYS D 61 -16.08 24.97 16.60
C LYS D 61 -16.60 24.49 15.25
N SER D 62 -16.08 23.36 14.73
CA SER D 62 -16.53 22.90 13.42
C SER D 62 -18.04 22.78 13.35
N THR D 63 -18.65 22.08 14.32
CA THR D 63 -20.09 21.92 14.26
C THR D 63 -20.84 23.15 14.78
N GLU D 64 -20.20 23.98 15.61
CA GLU D 64 -20.82 25.24 16.00
C GLU D 64 -20.95 26.15 14.80
N VAL D 65 -19.84 26.35 14.07
CA VAL D 65 -19.90 27.14 12.84
C VAL D 65 -20.91 26.54 11.88
N LEU D 66 -20.88 25.21 11.71
CA LEU D 66 -21.85 24.58 10.80
C LEU D 66 -23.27 24.73 11.31
N GLU D 67 -23.48 24.51 12.62
CA GLU D 67 -24.82 24.69 13.17
C GLU D 67 -25.28 26.13 13.00
N GLU D 68 -24.37 27.09 13.19
CA GLU D 68 -24.71 28.50 13.04
C GLU D 68 -25.18 28.78 11.63
N TYR D 69 -24.55 28.14 10.64
CA TYR D 69 -25.01 28.31 9.26
C TYR D 69 -26.33 27.61 9.04
N TYR D 70 -26.50 26.41 9.59
CA TYR D 70 -27.78 25.72 9.45
C TYR D 70 -28.90 26.54 10.07
N LYS D 71 -28.65 27.19 11.23
CA LYS D 71 -29.73 28.05 11.73
C LYS D 71 -29.99 29.26 10.85
N THR D 72 -28.99 29.82 10.20
CA THR D 72 -29.29 31.09 9.55
C THR D 72 -29.62 30.98 8.05
N ASN D 73 -29.62 29.78 7.49
CA ASN D 73 -29.97 29.53 6.09
C ASN D 73 -30.69 28.20 5.98
N ASN D 74 -31.51 28.07 4.92
CA ASN D 74 -32.21 26.83 4.63
C ASN D 74 -31.43 26.03 3.60
N ILE D 75 -31.09 24.78 3.93
CA ILE D 75 -30.22 23.93 3.12
C ILE D 75 -30.94 22.62 2.85
N ASP D 76 -31.03 22.23 1.57
CA ASP D 76 -31.56 20.92 1.22
C ASP D 76 -30.51 19.79 1.21
N ILE D 77 -29.31 20.03 0.66
CA ILE D 77 -28.27 19.01 0.56
C ILE D 77 -26.95 19.59 1.02
N ALA D 78 -26.28 18.88 1.91
CA ALA D 78 -24.96 19.25 2.34
C ALA D 78 -23.97 18.37 1.58
N LEU D 79 -23.04 18.99 0.88
CA LEU D 79 -21.96 18.30 0.18
C LEU D 79 -20.71 18.72 0.92
N HIS D 80 -20.24 17.87 1.83
CA HIS D 80 -19.07 18.18 2.64
C HIS D 80 -17.82 17.67 1.94
N LEU D 81 -16.83 18.54 1.79
CA LEU D 81 -15.54 18.16 1.22
C LEU D 81 -14.48 18.15 2.31
N GLY D 82 -13.54 17.21 2.19
CA GLY D 82 -12.44 17.16 3.12
C GLY D 82 -11.22 16.54 2.49
N GLN D 83 -10.08 16.78 3.12
CA GLN D 83 -8.79 16.24 2.67
C GLN D 83 -8.60 14.83 3.23
N ALA D 84 -8.25 13.88 2.36
CA ALA D 84 -7.89 12.52 2.80
C ALA D 84 -6.50 12.23 2.24
N GLY D 85 -5.48 12.78 2.91
CA GLY D 85 -4.11 12.61 2.47
C GLY D 85 -3.73 11.14 2.37
N GLY D 86 -3.21 10.73 1.23
CA GLY D 86 -2.92 9.34 0.97
C GLY D 86 -3.94 8.65 0.08
N SER D 87 -5.15 9.20 -0.06
CA SER D 87 -6.12 8.61 -0.97
C SER D 87 -5.81 9.00 -2.41
N ALA D 88 -6.10 8.08 -3.33
CA ALA D 88 -5.67 8.23 -4.72
C ALA D 88 -6.77 8.72 -5.64
N GLY D 89 -8.03 8.64 -5.20
CA GLY D 89 -9.15 9.01 -6.04
C GLY D 89 -10.22 9.76 -5.27
N ILE D 90 -11.30 10.11 -5.97
CA ILE D 90 -12.42 10.75 -5.29
C ILE D 90 -13.07 9.72 -4.35
N ARG D 91 -13.02 9.99 -3.06
CA ARG D 91 -13.38 9.01 -2.05
C ARG D 91 -14.73 9.38 -1.44
N LEU D 92 -15.77 8.71 -1.94
CA LEU D 92 -17.14 8.98 -1.53
C LEU D 92 -17.45 8.21 -0.26
N GLU D 93 -17.78 8.92 0.80
CA GLU D 93 -17.94 8.32 2.12
C GLU D 93 -19.40 7.96 2.37
N ARG D 94 -19.64 6.69 2.67
CA ARG D 94 -21.01 6.22 2.86
C ARG D 94 -21.43 6.22 4.32
N VAL D 95 -20.49 6.20 5.27
CA VAL D 95 -20.78 5.92 6.68
C VAL D 95 -20.19 7.02 7.54
N ALA D 96 -21.01 7.56 8.46
CA ALA D 96 -20.54 8.46 9.50
C ALA D 96 -20.83 7.84 10.85
N ILE D 97 -19.84 7.81 11.73
CA ILE D 97 -20.02 7.12 13.01
C ILE D 97 -19.99 8.11 14.16
N ASN D 98 -20.62 7.69 15.26
CA ASN D 98 -20.82 8.56 16.43
C ASN D 98 -19.62 8.50 17.37
N LEU D 99 -18.48 9.01 16.88
CA LEU D 99 -17.24 8.86 17.64
C LEU D 99 -16.23 9.92 17.26
N LEU D 100 -15.63 10.56 18.26
CA LEU D 100 -14.41 11.34 18.10
C LEU D 100 -13.25 10.54 18.68
N ASP D 101 -12.23 10.28 17.87
CA ASP D 101 -11.11 9.49 18.36
C ASP D 101 -9.89 9.76 17.48
N SER D 102 -8.89 10.42 18.05
CA SER D 102 -7.61 10.57 17.36
C SER D 102 -6.56 10.98 18.37
N LYS D 103 -5.33 10.53 18.15
CA LYS D 103 -4.24 11.00 18.98
C LYS D 103 -3.82 12.39 18.57
N HIS D 104 -4.19 12.82 17.37
CA HIS D 104 -3.79 14.13 16.86
C HIS D 104 -4.73 15.21 17.37
N PRO D 105 -4.20 16.33 17.82
CA PRO D 105 -5.06 17.44 18.23
C PRO D 105 -5.70 18.10 17.03
N ASP D 106 -6.78 18.84 17.28
CA ASP D 106 -7.33 19.68 16.23
C ASP D 106 -6.48 20.96 16.16
N ASN D 107 -6.93 21.94 15.38
CA ASN D 107 -6.14 23.14 15.23
C ASN D 107 -6.15 24.01 16.49
N ASP D 108 -7.04 23.72 17.45
CA ASP D 108 -7.08 24.41 18.74
C ASP D 108 -6.31 23.68 19.84
N GLY D 109 -5.57 22.63 19.49
CA GLY D 109 -4.87 21.85 20.49
C GLY D 109 -5.69 20.84 21.27
N GLN D 110 -6.97 20.65 20.97
CA GLN D 110 -7.70 19.54 21.59
C GLN D 110 -7.54 18.18 20.94
N VAL D 111 -7.44 17.19 21.83
CA VAL D 111 -7.34 15.78 21.52
C VAL D 111 -8.59 15.14 22.09
N LYS D 112 -9.28 14.34 21.28
CA LYS D 112 -10.48 13.62 21.68
C LYS D 112 -10.20 12.14 21.52
N GLU D 113 -10.53 11.35 22.52
CA GLU D 113 -10.32 9.91 22.45
C GLU D 113 -11.57 9.20 22.94
N ASP D 114 -12.27 8.56 22.01
CA ASP D 114 -13.44 7.73 22.30
C ASP D 114 -14.59 8.53 22.93
N VAL D 115 -14.94 9.62 22.28
CA VAL D 115 -16.02 10.49 22.74
C VAL D 115 -17.17 10.37 21.76
N SER D 116 -18.37 10.17 22.28
CA SER D 116 -19.55 10.25 21.43
C SER D 116 -19.69 11.66 20.88
N ILE D 117 -20.22 11.75 19.67
CA ILE D 117 -20.58 13.05 19.11
C ILE D 117 -21.90 13.53 19.69
N ILE D 118 -22.93 12.68 19.58
CA ILE D 118 -24.27 12.96 20.10
C ILE D 118 -24.57 11.87 21.11
N ASP D 119 -24.68 12.25 22.38
CA ASP D 119 -25.03 11.31 23.44
C ASP D 119 -26.33 10.60 23.11
N ASN D 120 -26.29 9.27 23.15
CA ASN D 120 -27.41 8.42 22.79
C ASN D 120 -27.96 8.72 21.38
N GLY D 121 -27.11 9.21 20.48
CA GLY D 121 -27.41 9.15 19.07
C GLY D 121 -27.13 7.75 18.57
N PRO D 122 -27.61 7.41 17.38
CA PRO D 122 -27.29 6.09 16.82
C PRO D 122 -25.78 5.94 16.66
N ASP D 123 -25.34 4.67 16.61
CA ASP D 123 -23.90 4.40 16.48
C ASP D 123 -23.34 4.95 15.17
N ALA D 124 -24.14 4.96 14.11
CA ALA D 124 -23.69 5.48 12.83
C ALA D 124 -24.89 5.80 11.96
N TYR D 125 -24.65 6.62 10.95
CA TYR D 125 -25.60 6.85 9.87
C TYR D 125 -24.96 6.50 8.55
N MET D 126 -25.75 5.99 7.63
CA MET D 126 -25.33 5.94 6.25
C MET D 126 -26.03 7.05 5.48
N THR D 127 -25.33 7.60 4.47
CA THR D 127 -25.99 8.56 3.57
C THR D 127 -27.16 7.91 2.85
N ARG D 128 -28.18 8.71 2.55
CA ARG D 128 -29.27 8.26 1.72
C ARG D 128 -29.09 8.68 0.27
N VAL D 129 -28.03 9.44 -0.04
CA VAL D 129 -27.70 9.74 -1.43
C VAL D 129 -27.33 8.46 -2.14
N LYS D 130 -27.67 8.39 -3.43
CA LYS D 130 -27.38 7.21 -4.25
C LYS D 130 -25.87 7.19 -4.56
N ILE D 131 -25.10 6.73 -3.57
CA ILE D 131 -23.66 6.95 -3.62
C ILE D 131 -23.00 6.11 -4.72
N LYS D 132 -23.53 4.92 -5.01
CA LYS D 132 -22.93 4.13 -6.08
C LYS D 132 -23.12 4.80 -7.43
N ALA D 133 -24.27 5.47 -7.61
CA ALA D 133 -24.49 6.20 -8.85
C ALA D 133 -23.55 7.39 -8.99
N VAL D 134 -23.18 8.05 -7.89
CA VAL D 134 -22.18 9.11 -7.96
C VAL D 134 -20.86 8.52 -8.45
N ALA D 135 -20.42 7.42 -7.81
CA ALA D 135 -19.16 6.79 -8.20
C ALA D 135 -19.19 6.36 -9.64
N GLU D 136 -20.31 5.80 -10.09
CA GLU D 136 -20.39 5.34 -11.46
C GLU D 136 -20.34 6.50 -12.45
N LEU D 137 -20.99 7.62 -12.10
CA LEU D 137 -20.94 8.80 -12.97
C LEU D 137 -19.52 9.34 -13.11
N LEU D 138 -18.81 9.47 -11.98
CA LEU D 138 -17.44 9.98 -12.02
C LEU D 138 -16.53 9.09 -12.86
N LYS D 139 -16.63 7.77 -12.68
CA LYS D 139 -15.78 6.85 -13.45
C LYS D 139 -16.10 6.96 -14.94
N LYS D 140 -17.39 7.11 -15.26
CA LYS D 140 -17.76 7.10 -16.66
C LYS D 140 -17.24 8.35 -17.33
N LYS D 141 -17.06 9.39 -16.53
CA LYS D 141 -16.41 10.63 -16.96
C LYS D 141 -14.88 10.59 -16.81
N LYS D 142 -14.31 9.40 -16.60
CA LYS D 142 -12.87 9.14 -16.59
C LYS D 142 -12.18 9.71 -15.35
N ILE D 143 -12.88 9.80 -14.24
CA ILE D 143 -12.30 10.30 -13.00
C ILE D 143 -12.24 9.14 -12.00
N PRO D 144 -11.07 8.79 -11.47
CA PRO D 144 -10.99 7.74 -10.44
C PRO D 144 -11.84 8.10 -9.23
N ALA D 145 -12.66 7.15 -8.79
CA ALA D 145 -13.61 7.41 -7.71
C ALA D 145 -14.04 6.08 -7.12
N PHE D 146 -14.33 6.08 -5.83
CA PHE D 146 -14.73 4.83 -5.21
C PHE D 146 -15.49 5.14 -3.93
N VAL D 147 -16.15 4.11 -3.41
CA VAL D 147 -16.96 4.24 -2.21
C VAL D 147 -16.15 3.75 -1.03
N SER D 148 -16.15 4.54 0.04
CA SER D 148 -15.45 4.25 1.28
C SER D 148 -16.46 4.05 2.39
N TYR D 149 -16.11 3.21 3.37
CA TYR D 149 -16.99 2.92 4.49
C TYR D 149 -16.44 3.39 5.81
N THR D 150 -15.34 4.13 5.82
CA THR D 150 -14.92 4.82 7.02
C THR D 150 -14.34 6.17 6.62
N ALA D 151 -14.89 7.23 7.21
CA ALA D 151 -14.39 8.59 6.99
C ALA D 151 -13.47 9.02 8.12
N GLY D 152 -12.94 8.07 8.87
CA GLY D 152 -12.14 8.40 10.02
C GLY D 152 -13.02 8.73 11.21
N GLN D 153 -12.36 9.23 12.26
CA GLN D 153 -13.02 9.61 13.51
C GLN D 153 -12.54 10.99 13.96
N TYR D 154 -12.19 11.84 13.00
CA TYR D 154 -11.66 13.19 13.22
C TYR D 154 -12.78 14.21 12.89
N ILE D 155 -12.37 15.42 12.50
CA ILE D 155 -13.35 16.49 12.28
C ILE D 155 -14.25 16.21 11.08
N ASN D 157 -15.38 13.28 9.79
CA ASN D 157 -16.43 12.36 10.18
C ASN D 157 -17.43 13.05 11.12
N GLU D 158 -16.90 13.88 12.02
CA GLU D 158 -17.74 14.54 13.00
C GLU D 158 -18.80 15.39 12.32
N VAL D 159 -18.36 16.22 11.37
CA VAL D 159 -19.28 17.06 10.62
C VAL D 159 -20.26 16.20 9.82
N TYR D 160 -19.75 15.11 9.23
CA TYR D 160 -20.63 14.22 8.49
C TYR D 160 -21.72 13.65 9.38
N TYR D 161 -21.32 13.13 10.55
CA TYR D 161 -22.31 12.56 11.46
C TYR D 161 -23.28 13.63 11.93
N TYR D 162 -22.77 14.81 12.25
CA TYR D 162 -23.62 15.91 12.70
C TYR D 162 -24.72 16.19 11.68
N SER D 163 -24.35 16.28 10.38
CA SER D 163 -25.35 16.61 9.37
C SER D 163 -26.34 15.47 9.16
N LEU D 164 -25.87 14.22 9.13
CA LEU D 164 -26.82 13.13 8.93
C LEU D 164 -27.72 12.96 10.16
N HIS D 165 -27.20 13.19 11.36
CA HIS D 165 -28.04 13.14 12.55
C HIS D 165 -29.05 14.28 12.58
N ARG D 166 -28.60 15.52 12.35
CA ARG D 166 -29.51 16.65 12.28
C ARG D 166 -30.57 16.42 11.21
N SER D 167 -30.17 15.80 10.09
CA SER D 167 -31.12 15.44 9.04
C SER D 167 -32.15 14.44 9.54
N ASN D 168 -31.73 13.47 10.36
CA ASN D 168 -32.68 12.46 10.79
C ASN D 168 -33.70 13.05 11.76
N VAL D 169 -33.26 13.93 12.66
CA VAL D 169 -34.17 14.40 13.69
C VAL D 169 -34.95 15.65 13.26
N THR D 170 -34.38 16.51 12.40
CA THR D 170 -35.08 17.73 12.01
C THR D 170 -35.56 17.74 10.58
N GLY D 171 -35.04 16.88 9.72
CA GLY D 171 -35.37 16.99 8.32
C GLY D 171 -34.53 17.98 7.56
N THR D 172 -33.61 18.67 8.23
CA THR D 172 -32.72 19.63 7.59
C THR D 172 -31.31 19.32 7.99
N PRO D 173 -30.38 19.09 7.03
CA PRO D 173 -30.66 19.05 5.58
C PRO D 173 -31.48 17.80 5.15
N LYS D 174 -32.09 17.70 3.96
CA LYS D 174 -32.70 16.45 3.55
C LYS D 174 -31.66 15.35 3.27
N HIS D 175 -30.49 15.75 2.77
CA HIS D 175 -29.47 14.78 2.41
C HIS D 175 -28.10 15.32 2.81
N ALA D 176 -27.17 14.41 3.04
CA ALA D 176 -25.80 14.80 3.22
C ALA D 176 -24.91 13.75 2.59
N LEU D 177 -23.82 14.21 1.98
CA LEU D 177 -22.78 13.35 1.42
C LEU D 177 -21.42 13.96 1.76
N PHE D 178 -20.46 13.12 2.14
CA PHE D 178 -19.10 13.58 2.38
C PHE D 178 -18.18 13.05 1.30
N VAL D 179 -17.35 13.92 0.73
CA VAL D 179 -16.42 13.56 -0.34
C VAL D 179 -15.02 13.84 0.17
N HIS D 180 -14.24 12.78 0.41
CA HIS D 180 -12.83 12.91 0.70
C HIS D 180 -12.02 13.07 -0.58
N LEU D 181 -10.93 13.84 -0.47
CA LEU D 181 -10.15 14.28 -1.61
C LEU D 181 -8.67 13.94 -1.43
N PRO D 182 -8.00 13.57 -2.52
CA PRO D 182 -6.55 13.36 -2.46
C PRO D 182 -5.82 14.64 -2.10
N PHE D 183 -4.58 14.47 -1.64
CA PHE D 183 -3.63 15.58 -1.63
C PHE D 183 -3.56 16.23 -3.01
N LEU D 184 -3.37 17.55 -3.03
CA LEU D 184 -2.92 18.21 -4.25
C LEU D 184 -1.46 17.83 -4.52
N PRO D 185 -1.05 17.83 -5.79
CA PRO D 185 0.36 17.52 -6.09
C PRO D 185 1.33 18.40 -5.33
N GLU D 186 1.02 19.69 -5.13
CA GLU D 186 1.94 20.55 -4.40
C GLU D 186 2.14 20.09 -2.95
N GLN D 187 1.14 19.45 -2.36
CA GLN D 187 1.28 18.94 -0.99
C GLN D 187 2.17 17.71 -0.92
N VAL D 188 2.21 16.91 -1.98
CA VAL D 188 3.12 15.76 -1.97
C VAL D 188 4.52 16.19 -2.34
N ALA D 189 4.64 17.21 -3.19
CA ALA D 189 5.96 17.64 -3.66
C ALA D 189 6.87 18.10 -2.51
N THR D 190 6.31 18.50 -1.37
CA THR D 190 7.08 18.95 -0.20
C THR D 190 7.43 17.85 0.79
N LYS D 191 7.00 16.61 0.55
CA LYS D 191 7.12 15.53 1.53
C LYS D 191 8.51 14.88 1.50
N GLU D 192 8.89 14.34 2.64
CA GLU D 192 10.19 13.84 3.05
C GLU D 192 10.20 12.34 2.85
N GLY D 193 11.33 11.76 2.50
CA GLY D 193 11.35 10.31 2.64
C GLY D 193 10.27 9.63 1.82
N LYS D 194 9.82 8.51 2.34
CA LYS D 194 8.82 7.67 1.71
C LYS D 194 7.52 8.42 1.37
N LEU D 195 7.20 9.50 2.10
CA LEU D 195 6.00 10.26 1.80
C LEU D 195 6.07 11.00 0.48
N GLU D 196 7.25 11.14 -0.13
CA GLU D 196 7.34 11.75 -1.46
C GLU D 196 6.61 10.92 -2.51
N LYS D 197 6.24 9.69 -2.18
CA LYS D 197 5.58 8.75 -3.09
C LYS D 197 4.07 8.68 -2.89
N LEU D 198 3.48 9.59 -2.12
CA LEU D 198 2.04 9.55 -1.89
C LEU D 198 1.26 9.90 -3.16
N PRO D 199 0.02 9.41 -3.28
CA PRO D 199 -0.82 9.79 -4.42
C PRO D 199 -1.33 11.23 -4.31
N SER D 200 -1.71 11.78 -5.47
CA SER D 200 -2.24 13.13 -5.51
C SER D 200 -3.21 13.24 -6.69
N MET D 201 -3.94 14.36 -6.75
CA MET D 201 -4.80 14.64 -7.89
C MET D 201 -4.84 16.15 -8.08
N THR D 202 -4.66 16.62 -9.32
CA THR D 202 -4.59 18.05 -9.54
C THR D 202 -5.86 18.75 -9.08
N LEU D 203 -5.72 20.03 -8.71
CA LEU D 203 -6.88 20.83 -8.34
C LEU D 203 -7.90 20.86 -9.47
N GLU D 204 -7.41 20.94 -10.71
CA GLU D 204 -8.33 21.01 -11.85
C GLU D 204 -9.23 19.77 -11.92
N LEU D 205 -8.64 18.59 -11.76
CA LEU D 205 -9.45 17.36 -11.84
C LEU D 205 -10.36 17.21 -10.62
N GLN D 206 -9.86 17.53 -9.42
CA GLN D 206 -10.72 17.48 -8.24
C GLN D 206 -11.90 18.45 -8.36
N THR D 207 -11.64 19.65 -8.88
CA THR D 207 -12.71 20.62 -9.07
C THR D 207 -13.72 20.10 -10.09
N LYS D 208 -13.23 19.51 -11.17
CA LYS D 208 -14.13 18.92 -12.16
C LYS D 208 -15.01 17.84 -11.51
N ALA D 209 -14.43 17.03 -10.63
CA ALA D 209 -15.22 15.98 -10.01
C ALA D 209 -16.37 16.56 -9.19
N VAL D 210 -16.07 17.54 -8.35
CA VAL D 210 -17.10 18.14 -7.50
C VAL D 210 -18.11 18.89 -8.37
N ARG D 211 -17.63 19.55 -9.43
CA ARG D 211 -18.53 20.21 -10.38
C ARG D 211 -19.52 19.23 -10.98
N LEU D 212 -19.03 18.04 -11.35
CA LEU D 212 -19.90 17.04 -11.93
C LEU D 212 -20.93 16.52 -10.94
N ILE D 213 -20.57 16.40 -9.66
CA ILE D 213 -21.55 15.99 -8.67
C ILE D 213 -22.66 17.03 -8.57
N LEU D 214 -22.27 18.30 -8.49
CA LEU D 214 -23.25 19.38 -8.38
C LEU D 214 -24.13 19.45 -9.63
N GLU D 215 -23.54 19.27 -10.82
CA GLU D 215 -24.32 19.36 -12.04
C GLU D 215 -25.32 18.22 -12.18
N ASN D 216 -25.10 17.08 -11.54
CA ASN D 216 -25.94 15.91 -11.77
C ASN D 216 -26.73 15.48 -10.52
N LEU D 217 -26.91 16.41 -9.57
CA LEU D 217 -27.42 16.06 -8.25
C LEU D 217 -28.78 15.39 -8.33
N LYS D 218 -29.61 15.78 -9.31
CA LYS D 218 -30.96 15.22 -9.41
C LYS D 218 -30.94 13.71 -9.49
N GLU D 219 -29.96 13.14 -10.19
CA GLU D 219 -29.88 11.69 -10.38
CA GLU D 219 -29.99 11.69 -10.34
C GLU D 219 -29.39 10.96 -9.13
N PHE D 220 -29.05 11.68 -8.06
CA PHE D 220 -28.53 11.03 -6.85
C PHE D 220 -29.45 11.17 -5.65
N ILE D 221 -30.50 11.99 -5.73
CA ILE D 221 -31.38 12.14 -4.57
C ILE D 221 -32.82 11.83 -4.93
#